data_1V9G
# 
_entry.id   1V9G 
# 
_audit_conform.dict_name       mmcif_pdbx.dic 
_audit_conform.dict_version    5.380 
_audit_conform.dict_location   http://mmcif.pdb.org/dictionaries/ascii/mmcif_pdbx.dic 
# 
loop_
_database_2.database_id 
_database_2.database_code 
_database_2.pdbx_database_accession 
_database_2.pdbx_DOI 
PDB   1V9G         pdb_00001v9g 10.2210/pdb1v9g/pdb 
NDB   ZD0011       ?            ?                   
RCSB  RCSB006373   ?            ?                   
WWPDB D_1000006373 ?            ?                   
# 
_pdbx_database_related.db_name        PDB 
_pdbx_database_related.db_id          1IOT 
_pdbx_database_related.details        'The same Z-DNA complexed with spermine in H2O' 
_pdbx_database_related.content_type   unspecified 
# 
_pdbx_database_status.status_code                     REL 
_pdbx_database_status.entry_id                        1V9G 
_pdbx_database_status.recvd_initial_deposition_date   2004-01-26 
_pdbx_database_status.deposit_site                    PDBJ 
_pdbx_database_status.process_site                    PDBJ 
_pdbx_database_status.status_code_sf                  REL 
_pdbx_database_status.status_code_mr                  ? 
_pdbx_database_status.SG_entry                        ? 
_pdbx_database_status.status_code_cs                  ? 
_pdbx_database_status.methods_development_category    ? 
_pdbx_database_status.pdb_format_compatible           Y 
_pdbx_database_status.status_code_nmr_data            ? 
# 
loop_
_audit_author.name 
_audit_author.pdbx_ordinal 
_audit_author.identifier_ORCID 
'Chatake, T.' 1 ? 
'Tanaka, I.'  2 ? 
'Niimura, N.' 3 ? 
# 
_citation.id                        primary 
_citation.title                     
'The hydration structure of a Z-DNA hexameric duplex determined by a neutron diffraction technique.' 
_citation.journal_abbrev            'Acta Crystallogr.,Sect.D' 
_citation.journal_volume            61 
_citation.page_first                1088 
_citation.page_last                 1098 
_citation.year                      2005 
_citation.journal_id_ASTM           ABCRE6 
_citation.country                   DK 
_citation.journal_id_ISSN           0907-4449 
_citation.journal_id_CSD            0766 
_citation.book_publisher            ? 
_citation.pdbx_database_id_PubMed   16041074 
_citation.pdbx_database_id_DOI      10.1107/S0907444905015581 
# 
loop_
_citation_author.citation_id 
_citation_author.name 
_citation_author.ordinal 
_citation_author.identifier_ORCID 
primary 'Chatake, T.' 1 ? 
primary 'Tanaka, I.'  2 ? 
primary 'Umino, H.'   3 ? 
primary 'Arai, S.'    4 ? 
primary 'Niimura, N.' 5 ? 
# 
_cell.entry_id           1V9G 
_cell.length_a           18.460 
_cell.length_b           30.760 
_cell.length_c           43.180 
_cell.angle_alpha        90.00 
_cell.angle_beta         90.00 
_cell.angle_gamma        90.00 
_cell.Z_PDB              8 
_cell.pdbx_unique_axis   ? 
_cell.length_a_esd       ? 
_cell.length_b_esd       ? 
_cell.length_c_esd       ? 
_cell.angle_alpha_esd    ? 
_cell.angle_beta_esd     ? 
_cell.angle_gamma_esd    ? 
# 
_symmetry.entry_id                         1V9G 
_symmetry.space_group_name_H-M             'P 21 21 21' 
_symmetry.pdbx_full_space_group_name_H-M   ? 
_symmetry.cell_setting                     ? 
_symmetry.Int_Tables_number                19 
_symmetry.space_group_name_Hall            ? 
# 
loop_
_entity.id 
_entity.type 
_entity.src_method 
_entity.pdbx_description 
_entity.formula_weight 
_entity.pdbx_number_of_molecules 
_entity.pdbx_ec 
_entity.pdbx_mutation 
_entity.pdbx_fragment 
_entity.details 
1 polymer     syn "5'-D(*CP*GP*CP*GP*CP*G)-3'"                    1810.205 2  ? ? ? 'Z-DNA duplex' 
2 non-polymer syn "N,N'-BIS(3-AMMONIOPROPYL)BUTANE-1,4-DIAMINIUM" 216.434  1  ? ? ? ?              
3 water       nat water                                           18.015   44 ? ? ? ?              
# 
_entity_poly.entity_id                      1 
_entity_poly.type                           polydeoxyribonucleotide 
_entity_poly.nstd_linkage                   no 
_entity_poly.nstd_monomer                   no 
_entity_poly.pdbx_seq_one_letter_code       '(DC)(DG)(DC)(DG)(DC)(DG)' 
_entity_poly.pdbx_seq_one_letter_code_can   CGCGCG 
_entity_poly.pdbx_strand_id                 A,B 
_entity_poly.pdbx_target_identifier         ? 
# 
loop_
_entity_poly_seq.entity_id 
_entity_poly_seq.num 
_entity_poly_seq.mon_id 
_entity_poly_seq.hetero 
1 1 DC n 
1 2 DG n 
1 3 DC n 
1 4 DG n 
1 5 DC n 
1 6 DG n 
# 
_pdbx_entity_src_syn.entity_id              1 
_pdbx_entity_src_syn.pdbx_src_id            1 
_pdbx_entity_src_syn.pdbx_alt_source_flag   sample 
_pdbx_entity_src_syn.pdbx_beg_seq_num       ? 
_pdbx_entity_src_syn.pdbx_end_seq_num       ? 
_pdbx_entity_src_syn.organism_scientific    'synthetic construct' 
_pdbx_entity_src_syn.organism_common_name   ? 
_pdbx_entity_src_syn.ncbi_taxonomy_id       32630 
_pdbx_entity_src_syn.details                ? 
# 
_struct_ref.id                         1 
_struct_ref.entity_id                  1 
_struct_ref.db_name                    PDB 
_struct_ref.db_code                    1V9G 
_struct_ref.pdbx_db_accession          1V9G 
_struct_ref.pdbx_align_begin           ? 
_struct_ref.pdbx_seq_one_letter_code   ? 
_struct_ref.pdbx_db_isoform            ? 
# 
loop_
_struct_ref_seq.align_id 
_struct_ref_seq.ref_id 
_struct_ref_seq.pdbx_PDB_id_code 
_struct_ref_seq.pdbx_strand_id 
_struct_ref_seq.seq_align_beg 
_struct_ref_seq.pdbx_seq_align_beg_ins_code 
_struct_ref_seq.seq_align_end 
_struct_ref_seq.pdbx_seq_align_end_ins_code 
_struct_ref_seq.pdbx_db_accession 
_struct_ref_seq.db_align_beg 
_struct_ref_seq.pdbx_db_align_beg_ins_code 
_struct_ref_seq.db_align_end 
_struct_ref_seq.pdbx_db_align_end_ins_code 
_struct_ref_seq.pdbx_auth_seq_align_beg 
_struct_ref_seq.pdbx_auth_seq_align_end 
1 1 1V9G A 1 ? 6 ? 1V9G 1 ? 6  ? 1 6  
2 1 1V9G B 1 ? 6 ? 1V9G 7 ? 12 ? 7 12 
# 
loop_
_chem_comp.id 
_chem_comp.type 
_chem_comp.mon_nstd_flag 
_chem_comp.name 
_chem_comp.pdbx_synonyms 
_chem_comp.formula 
_chem_comp.formula_weight 
DC  'DNA linking' y "2'-DEOXYCYTIDINE-5'-MONOPHOSPHATE"             ?                                  'C9 H14 N3 O7 P'  307.197 
DG  'DNA linking' y "2'-DEOXYGUANOSINE-5'-MONOPHOSPHATE"            ?                                  'C10 H14 N5 O7 P' 347.221 
DOD non-polymer   . 'DEUTERATED WATER'                              ?                                  'D2 O'            20.028  
SPW non-polymer   . "N,N'-BIS(3-AMMONIOPROPYL)BUTANE-1,4-DIAMINIUM" 'SPERMINE (FULLY DEUTERATED FORM)' 'C10 H20 N4 4'    216.434 
# 
_exptl.entry_id          1V9G 
_exptl.method            'NEUTRON DIFFRACTION' 
_exptl.crystals_number   1 
# 
_exptl_crystal.id                    1 
_exptl_crystal.density_meas          ? 
_exptl_crystal.density_Matthews      1.35 
_exptl_crystal.density_percent_sol   7.98 
_exptl_crystal.description           ? 
_exptl_crystal.F_000                 ? 
_exptl_crystal.preparation           ? 
# 
_exptl_crystal_grow.crystal_id      1 
_exptl_crystal_grow.method          'SMALL TUBES' 
_exptl_crystal_grow.temp            328 
_exptl_crystal_grow.temp_details    ? 
_exptl_crystal_grow.pH              7.0 
_exptl_crystal_grow.pdbx_details    'MPD, sodium cacodylate, magnesium chloride, spermine, pH 7.0, SMALL TUBES, temperature 328K' 
_exptl_crystal_grow.pdbx_pH_range   . 
# 
loop_
_exptl_crystal_grow_comp.crystal_id 
_exptl_crystal_grow_comp.id 
_exptl_crystal_grow_comp.sol_id 
_exptl_crystal_grow_comp.name 
_exptl_crystal_grow_comp.volume 
_exptl_crystal_grow_comp.conc 
_exptl_crystal_grow_comp.details 
1 1 1 MPD                 ? ? ? 
1 2 1 'sodium cacodylate' ? ? ? 
1 3 1 MgCl2               ? ? ? 
1 4 1 spermine            ? ? ? 
1 5 2 MPD                 ? ? ? 
1 6 2 'sodium cacodylate' ? ? ? 
1 7 2 MgCl2               ? ? ? 
# 
_diffrn.id                               1 
_diffrn.ambient_temp                     298 
_diffrn.ambient_temp_details             ? 
_diffrn.crystal_id                       1 
_diffrn.pdbx_serial_crystal_experiment   ? 
# 
_diffrn_detector.diffrn_id              1 
_diffrn_detector.detector               DIFFRACTOMETER 
_diffrn_detector.type                   BIX-3M 
_diffrn_detector.pdbx_collection_date   2003-06-10 
_diffrn_detector.details                ? 
# 
_diffrn_radiation.diffrn_id                        1 
_diffrn_radiation.wavelength_id                    1 
_diffrn_radiation.pdbx_monochromatic_or_laue_m_l   M 
_diffrn_radiation.monochromator                    'Elastically-bent perfect silicon monochromator' 
_diffrn_radiation.pdbx_diffrn_protocol             'SINGLE WAVELENGTH' 
_diffrn_radiation.pdbx_scattering_type             neutron 
# 
_diffrn_radiation_wavelength.id           1 
_diffrn_radiation_wavelength.wavelength   2.88 
_diffrn_radiation_wavelength.wt           1.0 
# 
_diffrn_source.diffrn_id                   1 
_diffrn_source.source                      'NUCLEAR REACTOR' 
_diffrn_source.type                        'JRR-3M BEAMLINE 1G-A' 
_diffrn_source.pdbx_synchrotron_site       JRR-3M 
_diffrn_source.pdbx_synchrotron_beamline   1G-A 
_diffrn_source.pdbx_wavelength             ? 
_diffrn_source.pdbx_wavelength_list        2.88 
# 
_reflns.entry_id                     1V9G 
_reflns.observed_criterion_sigma_F   0 
_reflns.observed_criterion_sigma_I   0 
_reflns.d_resolution_high            1.6 
_reflns.d_resolution_low             50.0 
_reflns.number_all                   2627 
_reflns.number_obs                   2627 
_reflns.percent_possible_obs         73.7 
_reflns.pdbx_Rmerge_I_obs            0.127 
_reflns.pdbx_Rsym_value              ? 
_reflns.pdbx_netI_over_sigmaI        6.2 
_reflns.B_iso_Wilson_estimate        3.9 
_reflns.pdbx_redundancy              2.0 
_reflns.R_free_details               ? 
_reflns.pdbx_chi_squared             ? 
_reflns.pdbx_scaling_rejects         ? 
_reflns.pdbx_ordinal                 1 
_reflns.pdbx_diffrn_id               1 
# 
_reflns_shell.d_res_high             1.6 
_reflns_shell.d_res_low              1.66 
_reflns_shell.percent_possible_all   40.9 
_reflns_shell.Rmerge_I_obs           0.208 
_reflns_shell.pdbx_Rsym_value        ? 
_reflns_shell.meanI_over_sigI_obs    3.5 
_reflns_shell.pdbx_redundancy        1.7 
_reflns_shell.percent_possible_obs   ? 
_reflns_shell.number_unique_all      142 
_reflns_shell.number_measured_all    ? 
_reflns_shell.number_measured_obs    ? 
_reflns_shell.number_unique_obs      ? 
_reflns_shell.pdbx_chi_squared       ? 
_reflns_shell.pdbx_ordinal           1 
_reflns_shell.pdbx_diffrn_id         1 
# 
_refine.entry_id                                 1V9G 
_refine.ls_d_res_high                            1.8 
_refine.ls_d_res_low                             25.05 
_refine.pdbx_ls_sigma_F                          3 
_refine.pdbx_ls_sigma_I                          ? 
_refine.ls_number_reflns_all                     2510 
_refine.ls_number_reflns_obs                     1821 
_refine.ls_number_reflns_R_free                  163 
_refine.ls_percent_reflns_obs                    72.5 
_refine.ls_R_factor_all                          0.256 
_refine.ls_R_factor_obs                          0.229 
_refine.ls_R_factor_R_work                       0.222 
_refine.ls_R_factor_R_free                       0.294 
_refine.ls_redundancy_reflns_obs                 ? 
_refine.pdbx_data_cutoff_high_absF               3 
_refine.pdbx_data_cutoff_low_absF                0 
_refine.ls_number_parameters                     ? 
_refine.ls_number_restraints                     ? 
_refine.ls_percent_reflns_R_free                 6.5 
_refine.ls_R_factor_R_free_error                 ? 
_refine.ls_R_factor_R_free_error_details         ? 
_refine.pdbx_method_to_determine_struct          'MOLECULAR REPLACEMENT' 
_refine.pdbx_starting_model                      'PDB ENTRY 1IOT' 
_refine.pdbx_ls_cross_valid_method               THROUGHOUT 
_refine.pdbx_R_Free_selection_details            RANDOM 
_refine.pdbx_stereochem_target_val_spec_case     ? 
_refine.pdbx_stereochemistry_target_values       ? 
_refine.solvent_model_details                    'bulk solvent correction' 
_refine.solvent_model_param_bsol                 20.1 
_refine.solvent_model_param_ksol                 0.06 
_refine.occupancy_max                            ? 
_refine.occupancy_min                            ? 
_refine.pdbx_isotropic_thermal_model             isotropic 
_refine.B_iso_mean                               12.09 
_refine.aniso_B[1][1]                            1.289 
_refine.aniso_B[1][2]                            0.00 
_refine.aniso_B[1][3]                            0.00 
_refine.aniso_B[2][2]                            1.581 
_refine.aniso_B[2][3]                            0.00 
_refine.aniso_B[3][3]                            -2.87 
_refine.details                                  ? 
_refine.correlation_coeff_Fo_to_Fc               ? 
_refine.correlation_coeff_Fo_to_Fc_free          ? 
_refine.pdbx_solvent_vdw_probe_radii             ? 
_refine.pdbx_solvent_ion_probe_radii             ? 
_refine.pdbx_solvent_shrinkage_radii             ? 
_refine.overall_SU_R_Cruickshank_DPI             ? 
_refine.overall_SU_R_free                        ? 
_refine.overall_SU_B                             ? 
_refine.overall_SU_ML                            ? 
_refine.pdbx_overall_ESU_R                       ? 
_refine.pdbx_overall_ESU_R_Free                  ? 
_refine.pdbx_data_cutoff_high_rms_absF           ? 
_refine.ls_wR_factor_R_free                      ? 
_refine.ls_wR_factor_R_work                      ? 
_refine.overall_FOM_free_R_set                   ? 
_refine.overall_FOM_work_R_set                   ? 
_refine.pdbx_refine_id                           'NEUTRON DIFFRACTION' 
_refine.pdbx_diffrn_id                           1 
_refine.pdbx_overall_phase_error                 ? 
_refine.pdbx_TLS_residual_ADP_flag               ? 
_refine.pdbx_overall_SU_R_free_Cruickshank_DPI   ? 
_refine.pdbx_overall_SU_R_Blow_DPI               ? 
_refine.pdbx_overall_SU_R_free_Blow_DPI          ? 
# 
_refine_analyze.entry_id                        1V9G 
_refine_analyze.Luzzati_coordinate_error_obs    .24 
_refine_analyze.Luzzati_sigma_a_obs             .29 
_refine_analyze.Luzzati_d_res_low_obs           5 
_refine_analyze.Luzzati_coordinate_error_free   .30 
_refine_analyze.Luzzati_sigma_a_free            .37 
_refine_analyze.Luzzati_d_res_low_free          ? 
_refine_analyze.number_disordered_residues      ? 
_refine_analyze.occupancy_sum_non_hydrogen      ? 
_refine_analyze.occupancy_sum_hydrogen          ? 
_refine_analyze.pdbx_refine_id                  'NEUTRON DIFFRACTION' 
# 
_refine_hist.pdbx_refine_id                   'NEUTRON DIFFRACTION' 
_refine_hist.cycle_id                         LAST 
_refine_hist.pdbx_number_atoms_protein        0 
_refine_hist.pdbx_number_atoms_nucleic_acid   240 
_refine_hist.pdbx_number_atoms_ligand         14 
_refine_hist.number_atoms_solvent             44 
_refine_hist.number_atoms_total               298 
_refine_hist.d_res_high                       1.8 
_refine_hist.d_res_low                        25.05 
# 
loop_
_refine_ls_restr.type 
_refine_ls_restr.dev_ideal 
_refine_ls_restr.dev_ideal_target 
_refine_ls_restr.weight 
_refine_ls_restr.number 
_refine_ls_restr.pdbx_refine_id 
_refine_ls_restr.pdbx_restraint_function 
c_bond_d           0.005 ? ? ? 'NEUTRON DIFFRACTION' ? 
c_angle_deg        0.830 ? ? ? 'NEUTRON DIFFRACTION' ? 
c_dihedral_angle_d 0.430 ? ? ? 'NEUTRON DIFFRACTION' ? 
c_improper_angle_d 0.820 ? ? ? 'NEUTRON DIFFRACTION' ? 
# 
loop_
_refine_ls_shell.pdbx_total_number_of_bins_used 
_refine_ls_shell.d_res_high 
_refine_ls_shell.d_res_low 
_refine_ls_shell.number_reflns_R_work 
_refine_ls_shell.R_factor_R_work 
_refine_ls_shell.percent_reflns_obs 
_refine_ls_shell.R_factor_R_free 
_refine_ls_shell.R_factor_R_free_error 
_refine_ls_shell.percent_reflns_R_free 
_refine_ls_shell.number_reflns_R_free 
_refine_ls_shell.redundancy_reflns_obs 
_refine_ls_shell.pdbx_refine_id 
_refine_ls_shell.number_reflns_all 
_refine_ls_shell.number_reflns_obs 
_refine_ls_shell.R_factor_all 
6 1.80 1.91 206 0.293 56.7 0.425 . 4.8 19 . 'NEUTRON DIFFRACTION' . . . 
6 1.91 2.06 .   0.285 61.7 0.322 . .   20 . 'NEUTRON DIFFRACTION' . . . 
6 2.06 2.27 .   0.267 71.4 0.327 . .   29 . 'NEUTRON DIFFRACTION' . . . 
6 2.27 2.60 .   0.25  76.3 0.283 . .   24 . 'NEUTRON DIFFRACTION' . . . 
6 2.60 3.27 .   0.191 80.7 0.312 . .   33 . 'NEUTRON DIFFRACTION' . . . 
6 3.27 50.0 .   0.162 86.0 0.234 . .   38 . 'NEUTRON DIFFRACTION' . . . 
# 
_struct.entry_id                  1V9G 
_struct.title                     'Neutron Crystallographic analysis of the Z-DNA hexamer CGCGCG' 
_struct.pdbx_model_details        ? 
_struct.pdbx_CASP_flag            ? 
_struct.pdbx_model_type_details   ? 
# 
_struct_keywords.entry_id        1V9G 
_struct_keywords.pdbx_keywords   DNA 
_struct_keywords.text            'Z-DNA, HYDROGEN, HYDRATION, H/D EXCHANGE, NEUTRON, DNA' 
# 
loop_
_struct_asym.id 
_struct_asym.pdbx_blank_PDB_chainid_flag 
_struct_asym.pdbx_modified 
_struct_asym.entity_id 
_struct_asym.details 
A N N 1 ? 
B N N 1 ? 
C N N 2 ? 
D N N 3 ? 
E N N 3 ? 
# 
loop_
_struct_conn.id 
_struct_conn.conn_type_id 
_struct_conn.pdbx_leaving_atom_flag 
_struct_conn.pdbx_PDB_id 
_struct_conn.ptnr1_label_asym_id 
_struct_conn.ptnr1_label_comp_id 
_struct_conn.ptnr1_label_seq_id 
_struct_conn.ptnr1_label_atom_id 
_struct_conn.pdbx_ptnr1_label_alt_id 
_struct_conn.pdbx_ptnr1_PDB_ins_code 
_struct_conn.pdbx_ptnr1_standard_comp_id 
_struct_conn.ptnr1_symmetry 
_struct_conn.ptnr2_label_asym_id 
_struct_conn.ptnr2_label_comp_id 
_struct_conn.ptnr2_label_seq_id 
_struct_conn.ptnr2_label_atom_id 
_struct_conn.pdbx_ptnr2_label_alt_id 
_struct_conn.pdbx_ptnr2_PDB_ins_code 
_struct_conn.ptnr1_auth_asym_id 
_struct_conn.ptnr1_auth_comp_id 
_struct_conn.ptnr1_auth_seq_id 
_struct_conn.ptnr2_auth_asym_id 
_struct_conn.ptnr2_auth_comp_id 
_struct_conn.ptnr2_auth_seq_id 
_struct_conn.ptnr2_symmetry 
_struct_conn.pdbx_ptnr3_label_atom_id 
_struct_conn.pdbx_ptnr3_label_seq_id 
_struct_conn.pdbx_ptnr3_label_comp_id 
_struct_conn.pdbx_ptnr3_label_asym_id 
_struct_conn.pdbx_ptnr3_label_alt_id 
_struct_conn.pdbx_ptnr3_PDB_ins_code 
_struct_conn.details 
_struct_conn.pdbx_dist_value 
_struct_conn.pdbx_value_order 
_struct_conn.pdbx_role 
hydrog1  hydrog ? ? A DC 1 N3 ? ? ? 1_555 B DG 6 N1 ? ? A DC 1 B DG 12 1_555 ? ? ? ? ? ? WATSON-CRICK ? ? ? 
hydrog2  hydrog ? ? A DC 1 N4 ? ? ? 1_555 B DG 6 O6 ? ? A DC 1 B DG 12 1_555 ? ? ? ? ? ? WATSON-CRICK ? ? ? 
hydrog3  hydrog ? ? A DC 1 O2 ? ? ? 1_555 B DG 6 N2 ? ? A DC 1 B DG 12 1_555 ? ? ? ? ? ? WATSON-CRICK ? ? ? 
hydrog4  hydrog ? ? A DG 2 N1 ? ? ? 1_555 B DC 5 N3 ? ? A DG 2 B DC 11 1_555 ? ? ? ? ? ? WATSON-CRICK ? ? ? 
hydrog5  hydrog ? ? A DG 2 N2 ? ? ? 1_555 B DC 5 O2 ? ? A DG 2 B DC 11 1_555 ? ? ? ? ? ? WATSON-CRICK ? ? ? 
hydrog6  hydrog ? ? A DG 2 O6 ? ? ? 1_555 B DC 5 N4 ? ? A DG 2 B DC 11 1_555 ? ? ? ? ? ? WATSON-CRICK ? ? ? 
hydrog7  hydrog ? ? A DC 3 N3 ? ? ? 1_555 B DG 4 N1 ? ? A DC 3 B DG 10 1_555 ? ? ? ? ? ? WATSON-CRICK ? ? ? 
hydrog8  hydrog ? ? A DC 3 N4 ? ? ? 1_555 B DG 4 O6 ? ? A DC 3 B DG 10 1_555 ? ? ? ? ? ? WATSON-CRICK ? ? ? 
hydrog9  hydrog ? ? A DC 3 O2 ? ? ? 1_555 B DG 4 N2 ? ? A DC 3 B DG 10 1_555 ? ? ? ? ? ? WATSON-CRICK ? ? ? 
hydrog10 hydrog ? ? A DG 4 N1 ? ? ? 1_555 B DC 3 N3 ? ? A DG 4 B DC 9  1_555 ? ? ? ? ? ? WATSON-CRICK ? ? ? 
hydrog11 hydrog ? ? A DG 4 N2 ? ? ? 1_555 B DC 3 O2 ? ? A DG 4 B DC 9  1_555 ? ? ? ? ? ? WATSON-CRICK ? ? ? 
hydrog12 hydrog ? ? A DG 4 O6 ? ? ? 1_555 B DC 3 N4 ? ? A DG 4 B DC 9  1_555 ? ? ? ? ? ? WATSON-CRICK ? ? ? 
hydrog13 hydrog ? ? A DC 5 N3 ? ? ? 1_555 B DG 2 N1 ? ? A DC 5 B DG 8  1_555 ? ? ? ? ? ? WATSON-CRICK ? ? ? 
hydrog14 hydrog ? ? A DC 5 N4 ? ? ? 1_555 B DG 2 O6 ? ? A DC 5 B DG 8  1_555 ? ? ? ? ? ? WATSON-CRICK ? ? ? 
hydrog15 hydrog ? ? A DC 5 O2 ? ? ? 1_555 B DG 2 N2 ? ? A DC 5 B DG 8  1_555 ? ? ? ? ? ? WATSON-CRICK ? ? ? 
hydrog16 hydrog ? ? A DG 6 N1 ? ? ? 1_555 B DC 1 N3 ? ? A DG 6 B DC 7  1_555 ? ? ? ? ? ? WATSON-CRICK ? ? ? 
hydrog17 hydrog ? ? A DG 6 N2 ? ? ? 1_555 B DC 1 O2 ? ? A DG 6 B DC 7  1_555 ? ? ? ? ? ? WATSON-CRICK ? ? ? 
hydrog18 hydrog ? ? A DG 6 O6 ? ? ? 1_555 B DC 1 N4 ? ? A DG 6 B DC 7  1_555 ? ? ? ? ? ? WATSON-CRICK ? ? ? 
# 
_struct_conn_type.id          hydrog 
_struct_conn_type.criteria    ? 
_struct_conn_type.reference   ? 
# 
_struct_site.id                   AC1 
_struct_site.pdbx_evidence_code   Software 
_struct_site.pdbx_auth_asym_id    A 
_struct_site.pdbx_auth_comp_id    SPW 
_struct_site.pdbx_auth_seq_id     13 
_struct_site.pdbx_auth_ins_code   ? 
_struct_site.pdbx_num_residues    9 
_struct_site.details              'BINDING SITE FOR RESIDUE SPW A 13' 
# 
loop_
_struct_site_gen.id 
_struct_site_gen.site_id 
_struct_site_gen.pdbx_num_res 
_struct_site_gen.label_comp_id 
_struct_site_gen.label_asym_id 
_struct_site_gen.label_seq_id 
_struct_site_gen.pdbx_auth_ins_code 
_struct_site_gen.auth_comp_id 
_struct_site_gen.auth_asym_id 
_struct_site_gen.auth_seq_id 
_struct_site_gen.label_atom_id 
_struct_site_gen.label_alt_id 
_struct_site_gen.symmetry 
_struct_site_gen.details 
1 AC1 9 DG  A 2 ? DG  A 2   . ? 1_555 ? 
2 AC1 9 DC  A 3 ? DC  A 3   . ? 1_555 ? 
3 AC1 9 DG  A 4 ? DG  A 4   . ? 1_555 ? 
4 AC1 9 DG  B 2 ? DG  B 8   . ? 1_555 ? 
5 AC1 9 DOD D . ? DOD A 106 . ? 1_555 ? 
6 AC1 9 DOD E . ? DOD B 119 . ? 1_555 ? 
7 AC1 9 DOD D . ? DOD A 132 . ? 1_555 ? 
8 AC1 9 DOD D . ? DOD A 135 . ? 1_555 ? 
9 AC1 9 DOD E . ? DOD B 136 . ? 1_555 ? 
# 
_atom_sites.entry_id                    1V9G 
_atom_sites.fract_transf_matrix[1][1]   -0.00469161 
_atom_sites.fract_transf_matrix[1][2]   -0.05313801 
_atom_sites.fract_transf_matrix[1][3]   0.00942541 
_atom_sites.fract_transf_matrix[2][1]   -0.03236008 
_atom_sites.fract_transf_matrix[2][2]   0.00253491 
_atom_sites.fract_transf_matrix[2][3]   -0.00181642 
_atom_sites.fract_transf_matrix[3][1]   0.00095509 
_atom_sites.fract_transf_matrix[3][2]   -0.00412300 
_atom_sites.fract_transf_matrix[3][3]   -0.02276901 
_atom_sites.fract_transf_vector[1]      0.830283 
_atom_sites.fract_transf_vector[2]      0.483685 
_atom_sites.fract_transf_vector[3]      0.563237 
# 
loop_
_atom_type.symbol 
C 
D 
H 
N 
O 
P 
# 
loop_
_atom_site.group_PDB 
_atom_site.id 
_atom_site.type_symbol 
_atom_site.label_atom_id 
_atom_site.label_alt_id 
_atom_site.label_comp_id 
_atom_site.label_asym_id 
_atom_site.label_entity_id 
_atom_site.label_seq_id 
_atom_site.pdbx_PDB_ins_code 
_atom_site.Cartn_x 
_atom_site.Cartn_y 
_atom_site.Cartn_z 
_atom_site.occupancy 
_atom_site.B_iso_or_equiv 
_atom_site.pdbx_formal_charge 
_atom_site.auth_seq_id 
_atom_site.auth_comp_id 
_atom_site.auth_asym_id 
_atom_site.auth_atom_id 
_atom_site.pdbx_PDB_model_num 
ATOM   1   O "O5'"  . DC  A 1 1 ? 3.633   -5.875  -9.938  1.00 10.43 ? 1   DC  A "O5'"  1 
ATOM   2   C "C5'"  . DC  A 1 1 ? 3.463   -5.458  -8.569  1.00 9.83  ? 1   DC  A "C5'"  1 
ATOM   3   C "C4'"  . DC  A 1 1 ? 2.180   -4.677  -8.407  1.00 9.35  ? 1   DC  A "C4'"  1 
ATOM   4   O "O4'"  . DC  A 1 1 ? 2.495   -3.372  -7.858  1.00 9.12  ? 1   DC  A "O4'"  1 
ATOM   5   C "C3'"  . DC  A 1 1 ? 1.417   -4.407  -9.708  1.00 9.05  ? 1   DC  A "C3'"  1 
ATOM   6   O "O3'"  . DC  A 1 1 ? 0.007   -4.471  -9.483  1.00 8.69  ? 1   DC  A "O3'"  1 
ATOM   7   C "C2'"  . DC  A 1 1 ? 1.818   -2.994  -10.083 1.00 8.71  ? 1   DC  A "C2'"  1 
ATOM   8   C "C1'"  . DC  A 1 1 ? 2.046   -2.346  -8.740  1.00 8.63  ? 1   DC  A "C1'"  1 
ATOM   9   N N1     . DC  A 1 1 ? 3.067   -1.291  -8.794  1.00 7.97  ? 1   DC  A N1     1 
ATOM   10  C C2     . DC  A 1 1 ? 2.689   0.003   -9.194  1.00 7.53  ? 1   DC  A C2     1 
ATOM   11  O O2     . DC  A 1 1 ? 1.510   0.236   -9.453  1.00 7.68  ? 1   DC  A O2     1 
ATOM   12  N N3     . DC  A 1 1 ? 3.625   0.954   -9.284  1.00 7.54  ? 1   DC  A N3     1 
ATOM   13  C C4     . DC  A 1 1 ? 4.890   0.669   -8.994  1.00 7.01  ? 1   DC  A C4     1 
ATOM   14  N N4     . DC  A 1 1 ? 5.759   1.637   -9.098  1.00 7.12  ? 1   DC  A N4     1 
ATOM   15  C C5     . DC  A 1 1 ? 5.306   -0.626  -8.586  1.00 7.27  ? 1   DC  A C5     1 
ATOM   16  C C6     . DC  A 1 1 ? 4.368   -1.565  -8.486  1.00 7.64  ? 1   DC  A C6     1 
ATOM   17  H "H5'"  . DC  A 1 1 ? 4.304   -4.828  -8.273  1.00 9.92  ? 1   DC  A "H5'"  1 
ATOM   18  H "H5''" . DC  A 1 1 ? 3.431   -6.337  -7.924  1.00 10.05 ? 1   DC  A "H5''" 1 
ATOM   19  H "H4'"  . DC  A 1 1 ? 1.511   -5.264  -7.771  1.00 9.37  ? 1   DC  A "H4'"  1 
ATOM   20  H "H3'"  . DC  A 1 1 ? 1.689   -5.121  -10.482 1.00 8.86  ? 1   DC  A "H3'"  1 
ATOM   21  H "H2'"  . DC  A 1 1 ? 2.719   -2.983  -10.699 1.00 8.95  ? 1   DC  A "H2'"  1 
ATOM   22  H "H2''" . DC  A 1 1 ? 1.034   -2.491  -10.651 1.00 8.85  ? 1   DC  A "H2''" 1 
ATOM   23  H "H1'"  . DC  A 1 1 ? 1.127   -1.922  -8.338  1.00 8.49  ? 1   DC  A "H1'"  1 
ATOM   24  D D41    . DC  A 1 1 ? 6.726   1.428   -8.881  1.00 7.00  ? 1   DC  A D41    1 
ATOM   25  D D42    . DC  A 1 1 ? 5.412   2.554   -9.355  1.00 6.87  ? 1   DC  A D42    1 
ATOM   26  H H5     . DC  A 1 1 ? 6.358   -0.852  -8.387  1.00 7.15  ? 1   DC  A H5     1 
ATOM   27  H H6     . DC  A 1 1 ? 4.641   -2.559  -8.134  1.00 7.59  ? 1   DC  A H6     1 
ATOM   28  P P      . DG  A 1 2 ? -0.752  -5.886  -9.563  1.00 8.33  ? 2   DG  A P      1 
ATOM   29  O OP1    . DG  A 1 2 ? -0.036  -6.747  -10.546 1.00 8.30  ? 2   DG  A OP1    1 
ATOM   30  O OP2    . DG  A 1 2 ? -2.200  -5.604  -9.753  1.00 8.37  ? 2   DG  A OP2    1 
ATOM   31  O "O5'"  . DG  A 1 2 ? -0.532  -6.505  -8.112  1.00 7.35  ? 2   DG  A "O5'"  1 
ATOM   32  C "C5'"  . DG  A 1 2 ? -1.371  -6.137  -7.020  1.00 6.83  ? 2   DG  A "C5'"  1 
ATOM   33  C "C4'"  . DG  A 1 2 ? -0.922  -6.851  -5.771  1.00 6.77  ? 2   DG  A "C4'"  1 
ATOM   34  O "O4'"  . DG  A 1 2 ? 0.509   -6.934  -5.811  1.00 6.99  ? 2   DG  A "O4'"  1 
ATOM   35  C "C3'"  . DG  A 1 2 ? -1.252  -6.170  -4.446  1.00 7.09  ? 2   DG  A "C3'"  1 
ATOM   36  O "O3'"  . DG  A 1 2 ? -2.477  -6.691  -3.909  1.00 7.66  ? 2   DG  A "O3'"  1 
ATOM   37  C "C2'"  . DG  A 1 2 ? -0.094  -6.559  -3.538  1.00 7.07  ? 2   DG  A "C2'"  1 
ATOM   38  C "C1'"  . DG  A 1 2 ? 1.025   -6.981  -4.493  1.00 7.62  ? 2   DG  A "C1'"  1 
ATOM   39  N N9     . DG  A 1 2 ? 2.206   -6.127  -4.463  1.00 8.57  ? 2   DG  A N9     1 
ATOM   40  C C8     . DG  A 1 2 ? 3.505   -6.510  -4.261  1.00 8.96  ? 2   DG  A C8     1 
ATOM   41  N N7     . DG  A 1 2 ? 4.350   -5.515  -4.307  1.00 9.38  ? 2   DG  A N7     1 
ATOM   42  C C5     . DG  A 1 2 ? 3.555   -4.403  -4.547  1.00 9.51  ? 2   DG  A C5     1 
ATOM   43  C C6     . DG  A 1 2 ? 3.905   -3.045  -4.691  1.00 9.92  ? 2   DG  A C6     1 
ATOM   44  O O6     . DG  A 1 2 ? 5.028   -2.526  -4.616  1.00 10.35 ? 2   DG  A O6     1 
ATOM   45  N N1     . DG  A 1 2 ? 2.786   -2.255  -4.946  1.00 10.30 ? 2   DG  A N1     1 
ATOM   46  C C2     . DG  A 1 2 ? 1.501   -2.719  -5.033  1.00 10.14 ? 2   DG  A C2     1 
ATOM   47  N N2     . DG  A 1 2 ? 0.564   -1.820  -5.295  1.00 10.51 ? 2   DG  A N2     1 
ATOM   48  N N3     . DG  A 1 2 ? 1.161   -3.975  -4.884  1.00 9.74  ? 2   DG  A N3     1 
ATOM   49  C C4     . DG  A 1 2 ? 2.232   -4.761  -4.649  1.00 9.22  ? 2   DG  A C4     1 
ATOM   50  H "H5'"  . DG  A 1 2 ? -2.399  -6.422  -7.244  1.00 6.69  ? 2   DG  A "H5'"  1 
ATOM   51  H "H5''" . DG  A 1 2 ? -1.322  -5.058  -6.856  1.00 6.92  ? 2   DG  A "H5''" 1 
ATOM   52  H "H4'"  . DG  A 1 2 ? -1.410  -7.831  -5.750  1.00 6.61  ? 2   DG  A "H4'"  1 
ATOM   53  H "H3'"  . DG  A 1 2 ? -1.338  -5.090  -4.562  1.00 7.02  ? 2   DG  A "H3'"  1 
ATOM   54  H "H2'"  . DG  A 1 2 ? 0.201   -5.718  -2.905  1.00 7.20  ? 2   DG  A "H2'"  1 
ATOM   55  H "H2''" . DG  A 1 2 ? -0.384  -7.376  -2.874  1.00 7.42  ? 2   DG  A "H2''" 1 
ATOM   56  H "H1'"  . DG  A 1 2 ? 1.337   -8.004  -4.298  1.00 7.40  ? 2   DG  A "H1'"  1 
ATOM   57  H H8     A DG  A 1 2 ? 3.803   -7.534  -4.081  0.61 8.91  ? 2   DG  A H8     1 
ATOM   58  D D8     B DG  A 1 2 ? 3.797   -7.532  -4.080  0.39 9.11  ? 2   DG  A D8     1 
ATOM   59  D D1     . DG  A 1 2 ? 2.925   -1.256  -5.079  1.00 10.49 ? 2   DG  A D1     1 
ATOM   60  D D21    . DG  A 1 2 ? -0.399  -2.123  -5.376  1.00 10.63 ? 2   DG  A D21    1 
ATOM   61  D D22    . DG  A 1 2 ? 0.819   -0.845  -5.377  1.00 10.93 ? 2   DG  A D22    1 
ATOM   62  P P      . DC  A 1 3 ? -3.804  -5.790  -3.913  1.00 8.01  ? 3   DC  A P      1 
ATOM   63  O OP1    . DC  A 1 3 ? -4.952  -6.705  -3.659  1.00 8.13  ? 3   DC  A OP1    1 
ATOM   64  O OP2    . DC  A 1 3 ? -3.779  -4.973  -5.151  1.00 8.00  ? 3   DC  A OP2    1 
ATOM   65  O "O5'"  . DC  A 1 3 ? -3.631  -4.829  -2.645  1.00 8.38  ? 3   DC  A "O5'"  1 
ATOM   66  C "C5'"  . DC  A 1 3 ? -4.763  -4.215  -2.022  1.00 8.46  ? 3   DC  A "C5'"  1 
ATOM   67  C "C4'"  . DC  A 1 3 ? -4.492  -2.752  -1.743  1.00 8.77  ? 3   DC  A "C4'"  1 
ATOM   68  O "O4'"  . DC  A 1 3 ? -3.247  -2.573  -1.015  1.00 9.12  ? 3   DC  A "O4'"  1 
ATOM   69  C "C3'"  . DC  A 1 3 ? -4.355  -1.881  -2.989  1.00 8.87  ? 3   DC  A "C3'"  1 
ATOM   70  O "O3'"  . DC  A 1 3 ? -4.887  -0.579  -2.747  1.00 8.78  ? 3   DC  A "O3'"  1 
ATOM   71  C "C2'"  . DC  A 1 3 ? -2.856  -1.777  -3.168  1.00 9.15  ? 3   DC  A "C2'"  1 
ATOM   72  C "C1'"  . DC  A 1 3 ? -2.399  -1.682  -1.728  1.00 9.21  ? 3   DC  A "C1'"  1 
ATOM   73  N N1     . DC  A 1 3 ? -1.000  -2.102  -1.527  1.00 9.50  ? 3   DC  A N1     1 
ATOM   74  C C2     . DC  A 1 3 ? 0.029   -1.161  -1.690  1.00 9.68  ? 3   DC  A C2     1 
ATOM   75  O O2     . DC  A 1 3 ? -0.264  0.026   -1.900  1.00 9.53  ? 3   DC  A O2     1 
ATOM   76  N N3     . DC  A 1 3 ? 1.322   -1.576  -1.607  1.00 9.50  ? 3   DC  A N3     1 
ATOM   77  C C4     . DC  A 1 3 ? 1.596   -2.860  -1.353  1.00 9.44  ? 3   DC  A C4     1 
ATOM   78  N N4     . DC  A 1 3 ? 2.867   -3.232  -1.352  1.00 9.25  ? 3   DC  A N4     1 
ATOM   79  C C5     . DC  A 1 3 ? 0.568   -3.821  -1.112  1.00 9.59  ? 3   DC  A C5     1 
ATOM   80  C C6     . DC  A 1 3 ? -0.702  -3.403  -1.218  1.00 9.56  ? 3   DC  A C6     1 
ATOM   81  H "H5'"  . DC  A 1 3 ? -4.987  -4.721  -1.081  1.00 8.52  ? 3   DC  A "H5'"  1 
ATOM   82  H "H5''" . DC  A 1 3 ? -5.628  -4.290  -2.681  1.00 8.78  ? 3   DC  A "H5''" 1 
ATOM   83  H "H4'"  . DC  A 1 3 ? -5.361  -2.373  -1.199  1.00 8.75  ? 3   DC  A "H4'"  1 
ATOM   84  H "H3'"  . DC  A 1 3 ? -4.851  -2.331  -3.849  1.00 8.93  ? 3   DC  A "H3'"  1 
ATOM   85  H "H2'"  . DC  A 1 3 ? -2.451  -2.652  -3.675  1.00 9.53  ? 3   DC  A "H2'"  1 
ATOM   86  H "H2''" . DC  A 1 3 ? -2.579  -0.898  -3.754  1.00 9.05  ? 3   DC  A "H2''" 1 
ATOM   87  H "H1'"  . DC  A 1 3 ? -2.528  -0.672  -1.323  1.00 9.28  ? 3   DC  A "H1'"  1 
ATOM   88  D D41    . DC  A 1 3 ? 3.131   -4.191  -1.181  1.00 9.10  ? 3   DC  A D41    1 
ATOM   89  D D42    . DC  A 1 3 ? 3.550   -2.518  -1.562  1.00 9.28  ? 3   DC  A D42    1 
ATOM   90  H H5     . DC  A 1 3 ? 0.807   -4.848  -0.842  1.00 9.80  ? 3   DC  A H5     1 
ATOM   91  H H6     . DC  A 1 3 ? -1.514  -4.113  -1.068  1.00 9.25  ? 3   DC  A H6     1 
ATOM   92  P P      . DG  A 1 4 ? -6.457  -0.306  -2.918  1.00 8.35  ? 4   DG  A P      1 
ATOM   93  O OP1    . DG  A 1 4 ? -6.874  -0.965  -4.185  1.00 8.34  ? 4   DG  A OP1    1 
ATOM   94  O OP2    . DG  A 1 4 ? -6.642  1.163   -2.756  1.00 8.52  ? 4   DG  A OP2    1 
ATOM   95  O "O5'"  . DG  A 1 4 ? -7.126  -1.046  -1.672  1.00 7.80  ? 4   DG  A "O5'"  1 
ATOM   96  C "C5'"  . DG  A 1 4 ? -7.076  -0.465  -0.365  1.00 7.26  ? 4   DG  A "C5'"  1 
ATOM   97  C "C4'"  . DG  A 1 4 ? -7.787  -1.346  0.640   1.00 7.12  ? 4   DG  A "C4'"  1 
ATOM   98  O "O4'"  . DG  A 1 4 ? -7.209  -2.667  0.580   1.00 6.71  ? 4   DG  A "O4'"  1 
ATOM   99  C "C3'"  . DG  A 1 4 ? -7.661  -0.891  2.100   1.00 7.16  ? 4   DG  A "C3'"  1 
ATOM   100 O "O3'"  . DG  A 1 4 ? -8.884  -0.310  2.556   1.00 8.19  ? 4   DG  A "O3'"  1 
ATOM   101 C "C2'"  . DG  A 1 4 ? -7.417  -2.164  2.898   1.00 6.48  ? 4   DG  A "C2'"  1 
ATOM   102 C "C1'"  . DG  A 1 4 ? -7.178  -3.258  1.866   1.00 6.38  ? 4   DG  A "C1'"  1 
ATOM   103 N N9     . DG  A 1 4 ? -5.883  -3.897  2.031   1.00 5.78  ? 4   DG  A N9     1 
ATOM   104 C C8     . DG  A 1 4 ? -5.604  -5.228  2.216   1.00 5.82  ? 4   DG  A C8     1 
ATOM   105 N N7     . DG  A 1 4 ? -4.328  -5.474  2.350   1.00 5.84  ? 4   DG  A N7     1 
ATOM   106 C C5     . DG  A 1 4 ? -3.737  -4.220  2.253   1.00 5.62  ? 4   DG  A C5     1 
ATOM   107 C C6     . DG  A 1 4 ? -2.378  -3.832  2.334   1.00 5.60  ? 4   DG  A C6     1 
ATOM   108 O O6     . DG  A 1 4 ? -1.382  -4.542  2.507   1.00 5.27  ? 4   DG  A O6     1 
ATOM   109 N N1     . DG  A 1 4 ? -2.239  -2.459  2.179   1.00 5.79  ? 4   DG  A N1     1 
ATOM   110 C C2     . DG  A 1 4 ? -3.266  -1.583  1.941   1.00 6.07  ? 4   DG  A C2     1 
ATOM   111 N N2     . DG  A 1 4 ? -2.926  -0.325  1.741   1.00 6.64  ? 4   DG  A N2     1 
ATOM   112 N N3     . DG  A 1 4 ? -4.526  -1.926  1.885   1.00 5.50  ? 4   DG  A N3     1 
ATOM   113 C C4     . DG  A 1 4 ? -4.691  -3.246  2.044   1.00 5.59  ? 4   DG  A C4     1 
ATOM   114 H "H5'"  . DG  A 1 4 ? -7.555  0.516   -0.382  1.00 7.17  ? 4   DG  A "H5'"  1 
ATOM   115 H "H5''" . DG  A 1 4 ? -6.032  -0.347  -0.065  1.00 7.38  ? 4   DG  A "H5''" 1 
ATOM   116 H "H4'"  . DG  A 1 4 ? -8.853  -1.332  0.397   1.00 7.13  ? 4   DG  A "H4'"  1 
ATOM   117 H "H3'"  . DG  A 1 4 ? -6.853  -0.171  2.227   1.00 7.29  ? 4   DG  A "H3'"  1 
ATOM   118 H "H2'"  . DG  A 1 4 ? -6.549  -2.032  3.557   1.00 6.45  ? 4   DG  A "H2'"  1 
ATOM   119 H "H2''" . DG  A 1 4 ? -8.274  -2.395  3.535   1.00 6.71  ? 4   DG  A "H2''" 1 
ATOM   120 H "H1'"  . DG  A 1 4 ? -7.952  -4.022  1.911   1.00 6.28  ? 4   DG  A "H1'"  1 
ATOM   121 H H8     A DG  A 1 4 ? -6.363  -5.995  2.250   0.01 5.80  ? 4   DG  A H8     1 
ATOM   122 D D8     B DG  A 1 4 ? -6.362  -5.991  2.268   0.99 6.13  ? 4   DG  A D8     1 
ATOM   123 D D1     . DG  A 1 4 ? -1.321  -2.050  2.252   1.00 6.10  ? 4   DG  A D1     1 
ATOM   124 D D21    . DG  A 1 4 ? -3.644  0.354   1.548   1.00 6.75  ? 4   DG  A D21    1 
ATOM   125 D D22    . DG  A 1 4 ? -1.942  -0.089  1.730   1.00 7.13  ? 4   DG  A D22    1 
ATOM   126 P P      . DC  A 1 5 ? -8.901  1.191   3.126   1.00 8.81  ? 5   DC  A P      1 
ATOM   127 O OP1    . DC  A 1 5 ? -10.216 1.358   3.806   1.00 9.14  ? 5   DC  A OP1    1 
ATOM   128 O OP2    . DC  A 1 5 ? -8.535  2.094   2.016   1.00 9.27  ? 5   DC  A OP2    1 
ATOM   129 O "O5'"  . DC  A 1 5 ? -7.730  1.218   4.212   1.00 9.32  ? 5   DC  A "O5'"  1 
ATOM   130 C "C5'"  . DC  A 1 5 ? -7.633  2.284   5.167   1.00 9.26  ? 5   DC  A "C5'"  1 
ATOM   131 C "C4'"  . DC  A 1 5 ? -6.193  2.710   5.339   1.00 9.27  ? 5   DC  A "C4'"  1 
ATOM   132 O "O4'"  . DC  A 1 5 ? -5.468  1.620   5.954   1.00 9.39  ? 5   DC  A "O4'"  1 
ATOM   133 C "C3'"  . DC  A 1 5 ? -5.448  3.042   4.040   1.00 9.33  ? 5   DC  A "C3'"  1 
ATOM   134 O "O3'"  . DC  A 1 5 ? -4.717  4.265   4.170   1.00 9.16  ? 5   DC  A "O3'"  1 
ATOM   135 C "C2'"  . DC  A 1 5 ? -4.490  1.878   3.848   1.00 9.12  ? 5   DC  A "C2'"  1 
ATOM   136 C "C1'"  . DC  A 1 5 ? -4.257  1.397   5.261   1.00 8.99  ? 5   DC  A "C1'"  1 
ATOM   137 N N1     . DC  A 1 5 ? -3.932  -0.035  5.354   1.00 8.92  ? 5   DC  A N1     1 
ATOM   138 C C2     . DC  A 1 5 ? -2.598  -0.405  5.322   1.00 9.20  ? 5   DC  A C2     1 
ATOM   139 O O2     . DC  A 1 5 ? -1.731  0.482   5.192   1.00 9.37  ? 5   DC  A O2     1 
ATOM   140 N N3     . DC  A 1 5 ? -2.269  -1.708  5.425   1.00 8.92  ? 5   DC  A N3     1 
ATOM   141 C C4     . DC  A 1 5 ? -3.213  -2.622  5.566   1.00 9.12  ? 5   DC  A C4     1 
ATOM   142 N N4     . DC  A 1 5 ? -2.817  -3.869  5.701   1.00 9.82  ? 5   DC  A N4     1 
ATOM   143 C C5     . DC  A 1 5 ? -4.595  -2.287  5.584   1.00 8.87  ? 5   DC  A C5     1 
ATOM   144 C C6     . DC  A 1 5 ? -4.909  -0.988  5.465   1.00 8.88  ? 5   DC  A C6     1 
ATOM   145 H "H5'"  . DC  A 1 5 ? -8.021  1.950   6.130   1.00 9.38  ? 5   DC  A "H5'"  1 
ATOM   146 H "H5''" . DC  A 1 5 ? -8.215  3.139   4.825   1.00 9.33  ? 5   DC  A "H5''" 1 
ATOM   147 H "H4'"  . DC  A 1 5 ? -6.193  3.620   5.940   1.00 9.45  ? 5   DC  A "H4'"  1 
ATOM   148 H "H3'"  . DC  A 1 5 ? -6.142  3.130   3.211   1.00 9.14  ? 5   DC  A "H3'"  1 
ATOM   149 H "H2'"  . DC  A 1 5 ? -4.934  1.104   3.221   1.00 9.03  ? 5   DC  A "H2'"  1 
ATOM   150 H "H2''" . DC  A 1 5 ? -3.567  2.198   3.362   1.00 8.94  ? 5   DC  A "H2''" 1 
ATOM   151 H "H1'"  . DC  A 1 5 ? -3.468  1.971   5.753   1.00 9.09  ? 5   DC  A "H1'"  1 
ATOM   152 D D41    . DC  A 1 5 ? -3.492  -4.619  5.821   1.00 10.14 ? 5   DC  A D41    1 
ATOM   153 D D42    . DC  A 1 5 ? -1.821  -4.037  5.694   1.00 9.63  ? 5   DC  A D42    1 
ATOM   154 H H5     . DC  A 1 5 ? -5.369  -3.053  5.695   1.00 9.01  ? 5   DC  A H5     1 
ATOM   155 H H6     . DC  A 1 5 ? -5.959  -0.695  5.431   1.00 8.84  ? 5   DC  A H6     1 
ATOM   156 P P      . DG  A 1 6 ? -5.315  5.622   3.547   1.00 8.85  ? 6   DG  A P      1 
ATOM   157 O OP1    . DG  A 1 6 ? -5.814  5.297   2.193   1.00 8.94  ? 6   DG  A OP1    1 
ATOM   158 O OP2    . DG  A 1 6 ? -4.292  6.681   3.708   1.00 9.04  ? 6   DG  A OP2    1 
ATOM   159 O "O5'"  . DG  A 1 6 ? -6.566  5.959   4.475   1.00 8.50  ? 6   DG  A "O5'"  1 
ATOM   160 C "C5'"  . DG  A 1 6 ? -6.372  6.424   5.808   1.00 8.72  ? 6   DG  A "C5'"  1 
ATOM   161 C "C4'"  . DG  A 1 6 ? -7.689  6.525   6.541   1.00 8.47  ? 6   DG  A "C4'"  1 
ATOM   162 O "O4'"  . DG  A 1 6 ? -8.217  5.201   6.790   1.00 8.66  ? 6   DG  A "O4'"  1 
ATOM   163 C "C3'"  . DG  A 1 6 ? -7.580  7.184   7.916   1.00 8.57  ? 6   DG  A "C3'"  1 
ATOM   164 O "O3'"  . DG  A 1 6 ? -8.719  8.013   8.158   1.00 8.82  ? 6   DG  A "O3'"  1 
ATOM   165 C "C2'"  . DG  A 1 6 ? -7.571  6.004   8.871   1.00 8.56  ? 6   DG  A "C2'"  1 
ATOM   166 C "C1'"  . DG  A 1 6 ? -8.516  5.065   8.173   1.00 8.56  ? 6   DG  A "C1'"  1 
ATOM   167 N N9     . DG  A 1 6 ? -8.376  3.655   8.526   1.00 8.76  ? 6   DG  A N9     1 
ATOM   168 C C8     . DG  A 1 6 ? -9.392  2.766   8.789   1.00 8.87  ? 6   DG  A C8     1 
ATOM   169 N N7     . DG  A 1 6 ? -8.972  1.553   9.030   1.00 8.93  ? 6   DG  A N7     1 
ATOM   170 C C5     . DG  A 1 6 ? -7.582  1.649   8.936   1.00 8.87  ? 6   DG  A C5     1 
ATOM   171 C C6     . DG  A 1 6 ? -6.567  0.659   9.106   1.00 8.67  ? 6   DG  A C6     1 
ATOM   172 O O6     . DG  A 1 6 ? -6.693  -0.542  9.375   1.00 8.72  ? 6   DG  A O6     1 
ATOM   173 N N1     . DG  A 1 6 ? -5.294  1.195   8.934   1.00 8.72  ? 6   DG  A N1     1 
ATOM   174 C C2     . DG  A 1 6 ? -5.031  2.504   8.655   1.00 8.54  ? 6   DG  A C2     1 
ATOM   175 N N2     . DG  A 1 6 ? -3.762  2.827   8.571   1.00 8.49  ? 6   DG  A N2     1 
ATOM   176 N N3     . DG  A 1 6 ? -5.955  3.428   8.478   1.00 9.00  ? 6   DG  A N3     1 
ATOM   177 C C4     . DG  A 1 6 ? -7.201  2.939   8.637   1.00 8.72  ? 6   DG  A C4     1 
ATOM   178 H "H5'"  . DG  A 1 6 ? -5.904  7.407   5.781   1.00 8.42  ? 6   DG  A "H5'"  1 
ATOM   179 H "H5''" . DG  A 1 6 ? -5.722  5.736   6.343   1.00 8.51  ? 6   DG  A "H5''" 1 
ATOM   180 H "H4'"  . DG  A 1 6 ? -8.356  7.153   5.944   1.00 8.68  ? 6   DG  A "H4'"  1 
ATOM   181 H "H3'"  . DG  A 1 6 ? -6.674  7.784   7.995   1.00 8.71  ? 6   DG  A "H3'"  1 
ATOM   182 D "DO3'" . DG  A 1 6 ? -8.580  8.851   7.704   1.00 8.78  ? 6   DG  A "DO3'" 1 
ATOM   183 H "H2'"  . DG  A 1 6 ? -6.571  5.579   8.981   1.00 8.61  ? 6   DG  A "H2'"  1 
ATOM   184 H "H2''" . DG  A 1 6 ? -7.922  6.287   9.862   1.00 8.68  ? 6   DG  A "H2''" 1 
ATOM   185 H "H1'"  . DG  A 1 6 ? -9.554  5.367   8.324   1.00 8.95  ? 6   DG  A "H1'"  1 
ATOM   186 H H8     A DG  A 1 6 ? -10.435 3.044   8.796   0.19 8.87  ? 6   DG  A H8     1 
ATOM   187 D D8     B DG  A 1 6 ? -10.433 3.044   8.797   0.81 9.02  ? 6   DG  A D8     1 
ATOM   188 D D1     . DG  A 1 6 ? -4.493  0.578   9.006   1.00 8.51  ? 6   DG  A D1     1 
ATOM   189 D D21    . DG  A 1 6 ? -3.531  3.783   8.368   1.00 8.46  ? 6   DG  A D21    1 
ATOM   190 D D22    . DG  A 1 6 ? -3.059  2.130   8.761   1.00 8.43  ? 6   DG  A D22    1 
ATOM   191 O "O5'"  . DC  B 1 1 ? 2.716   -3.263  10.311  1.00 9.54  ? 7   DC  B "O5'"  1 
ATOM   192 C "C5'"  . DC  B 1 1 ? 3.477   -2.662  9.266   1.00 9.22  ? 7   DC  B "C5'"  1 
ATOM   193 C "C4'"  . DC  B 1 1 ? 2.909   -1.319  8.869   1.00 8.93  ? 7   DC  B "C4'"  1 
ATOM   194 O "O4'"  . DC  B 1 1 ? 1.551   -1.496  8.389   1.00 9.01  ? 7   DC  B "O4'"  1 
ATOM   195 C "C3'"  . DC  B 1 1 ? 2.810   -0.293  10.002  1.00 8.80  ? 7   DC  B "C3'"  1 
ATOM   196 O "O3'"  . DC  B 1 1 ? 3.112   1.020   9.519   1.00 8.66  ? 7   DC  B "O3'"  1 
ATOM   197 C "C2'"  . DC  B 1 1 ? 1.350   -0.358  10.405  1.00 8.87  ? 7   DC  B "C2'"  1 
ATOM   198 C "C1'"  . DC  B 1 1 ? 0.707   -0.568  9.056   1.00 8.74  ? 7   DC  B "C1'"  1 
ATOM   199 N N1     . DC  B 1 1 ? -0.653  -1.113  9.084   1.00 8.72  ? 7   DC  B N1     1 
ATOM   200 C C2     . DC  B 1 1 ? -1.731  -0.260  8.821   1.00 8.74  ? 7   DC  B C2     1 
ATOM   201 O O2     . DC  B 1 1 ? -1.507  0.928   8.562   1.00 8.57  ? 7   DC  B O2     1 
ATOM   202 N N3     . DC  B 1 1 ? -2.987  -0.755  8.849   1.00 8.64  ? 7   DC  B N3     1 
ATOM   203 C C4     . DC  B 1 1 ? -3.189  -2.045  9.136   1.00 9.15  ? 7   DC  B C4     1 
ATOM   204 N N4     . DC  B 1 1 ? -4.443  -2.489  9.176   1.00 9.23  ? 7   DC  B N4     1 
ATOM   205 C C5     . DC  B 1 1 ? -2.108  -2.938  9.404   1.00 9.02  ? 7   DC  B C5     1 
ATOM   206 C C6     . DC  B 1 1 ? -0.870  -2.434  9.359   1.00 9.02  ? 7   DC  B C6     1 
ATOM   207 H "H5'"  . DC  B 1 1 ? 3.471   -3.316  8.395   1.00 9.35  ? 7   DC  B "H5'"  1 
ATOM   208 H "H5''" . DC  B 1 1 ? 4.507   -2.523  9.601   1.00 9.36  ? 7   DC  B "H5''" 1 
ATOM   209 H "H4'"  . DC  B 1 1 ? 3.577   -0.891  8.117   1.00 9.08  ? 7   DC  B "H4'"  1 
ATOM   210 H "H3'"  . DC  B 1 1 ? 3.478   -0.539  10.823  1.00 8.83  ? 7   DC  B "H3'"  1 
ATOM   211 H "H2'"  . DC  B 1 1 ? 1.157   -1.179  11.096  1.00 8.63  ? 7   DC  B "H2'"  1 
ATOM   212 H "H2''" . DC  B 1 1 ? 1.026   0.567   10.882  1.00 8.42  ? 7   DC  B "H2''" 1 
ATOM   213 H "H1'"  . DC  B 1 1 ? 0.705   0.358   8.477   1.00 8.49  ? 7   DC  B "H1'"  1 
ATOM   214 D D41    . DC  B 1 1 ? -4.614  -3.461  9.395   1.00 9.11  ? 7   DC  B D41    1 
ATOM   215 D D42    . DC  B 1 1 ? -5.190  -1.820  9.045   1.00 9.39  ? 7   DC  B D42    1 
ATOM   216 H H5     . DC  B 1 1 ? -2.283  -3.984  9.659   1.00 9.12  ? 7   DC  B H5     1 
ATOM   217 H H6     . DC  B 1 1 ? -0.021  -3.094  9.531   1.00 8.75  ? 7   DC  B H6     1 
ATOM   218 P P      . DG  B 1 2 ? 4.622   1.560   9.580   1.00 8.78  ? 8   DG  B P      1 
ATOM   219 O OP1    . DG  B 1 2 ? 5.124   1.329   10.960  1.00 8.67  ? 8   DG  B OP1    1 
ATOM   220 O OP2    . DG  B 1 2 ? 4.605   2.945   9.029   1.00 9.10  ? 8   DG  B OP2    1 
ATOM   221 O "O5'"  . DG  B 1 2 ? 5.406   0.597   8.577   1.00 8.44  ? 8   DG  B "O5'"  1 
ATOM   222 C "C5'"  . DG  B 1 2 ? 5.278   0.763   7.160   1.00 8.41  ? 8   DG  B "C5'"  1 
ATOM   223 C "C4'"  . DG  B 1 2 ? 6.147   -0.227  6.421   1.00 7.97  ? 8   DG  B "C4'"  1 
ATOM   224 O "O4'"  . DG  B 1 2 ? 5.779   -1.560  6.815   1.00 8.15  ? 8   DG  B "O4'"  1 
ATOM   225 C "C3'"  . DG  B 1 2 ? 6.005   -0.168  4.898   1.00 8.06  ? 8   DG  B "C3'"  1 
ATOM   226 O "O3'"  A DG  B 1 2 ? 7.117   0.543   4.326   0.50 8.18  ? 8   DG  B "O3'"  1 
ATOM   227 O "O3'"  B DG  B 1 2 ? 7.117   0.577   4.386   0.50 8.21  ? 8   DG  B "O3'"  1 
ATOM   228 C "C2'"  . DG  B 1 2 ? 6.043   -1.626  4.454   1.00 8.07  ? 8   DG  B "C2'"  1 
ATOM   229 C "C1'"  . DG  B 1 2 ? 5.850   -2.456  5.727   1.00 8.19  ? 8   DG  B "C1'"  1 
ATOM   230 N N9     . DG  B 1 2 ? 4.628   -3.255  5.758   1.00 8.55  ? 8   DG  B N9     1 
ATOM   231 C C8     . DG  B 1 2 ? 4.527   -4.612  5.924   1.00 8.81  ? 8   DG  B C8     1 
ATOM   232 N N7     . DG  B 1 2 ? 3.298   -5.043  5.906   1.00 8.75  ? 8   DG  B N7     1 
ATOM   233 C C5     . DG  B 1 2 ? 2.539   -3.898  5.726   1.00 8.75  ? 8   DG  B C5     1 
ATOM   234 C C6     . DG  B 1 2 ? 1.134   -3.739  5.634   1.00 8.84  ? 8   DG  B C6     1 
ATOM   235 O O6     . DG  B 1 2 ? 0.259   -4.609  5.698   1.00 8.97  ? 8   DG  B O6     1 
ATOM   236 N N1     . DG  B 1 2 ? 0.780   -2.409  5.449   1.00 9.03  ? 8   DG  B N1     1 
ATOM   237 C C2     . DG  B 1 2 ? 1.680   -1.366  5.361   1.00 9.33  ? 8   DG  B C2     1 
ATOM   238 N N2     . DG  B 1 2 ? 1.181   -0.162  5.152   1.00 9.97  ? 8   DG  B N2     1 
ATOM   239 N N3     . DG  B 1 2 ? 2.987   -1.500  5.462   1.00 9.07  ? 8   DG  B N3     1 
ATOM   240 C C4     . DG  B 1 2 ? 3.345   -2.787  5.636   1.00 8.71  ? 8   DG  B C4     1 
ATOM   241 H "H5'"  . DG  B 1 2 ? 5.588   1.771   6.894   1.00 8.17  ? 8   DG  B "H5'"  1 
ATOM   242 H "H5''" . DG  B 1 2 ? 4.240   0.616   6.863   1.00 8.36  ? 8   DG  B "H5''" 1 
ATOM   243 H "H4'"  . DG  B 1 2 ? 7.190   0.014   6.646   1.00 8.21  ? 8   DG  B "H4'"  1 
ATOM   244 H "H3'"  . DG  B 1 2 ? 5.077   0.326   4.602   1.00 8.22  ? 8   DG  B "H3'"  1 
ATOM   245 H "H2'"  . DG  B 1 2 ? 5.257   -1.825  3.719   1.00 8.17  ? 8   DG  B "H2'"  1 
ATOM   246 H "H2''" . DG  B 1 2 ? 6.995   -1.858  3.974   1.00 8.14  ? 8   DG  B "H2''" 1 
ATOM   247 H "H1'"  . DG  B 1 2 ? 6.703   -3.122  5.890   1.00 8.52  ? 8   DG  B "H1'"  1 
ATOM   248 H H8     A DG  B 1 2 ? 5.381   -5.259  6.059   0.19 8.76  ? 8   DG  B H8     1 
ATOM   249 D D8     B DG  B 1 2 ? 5.382   -5.259  6.077   0.81 8.71  ? 8   DG  B D8     1 
ATOM   250 D D1     . DG  B 1 2 ? -0.209  -2.201  5.377   1.00 8.30  ? 8   DG  B D1     1 
ATOM   251 D D21    . DG  B 1 2 ? 1.876   0.580   5.087   1.00 10.26 ? 8   DG  B D21    1 
ATOM   252 D D22    . DG  B 1 2 ? 0.183   -0.008  5.017   1.00 10.11 ? 8   DG  B D22    1 
ATOM   253 P P      A DC  B 1 3 ? 6.899   2.004   3.684   0.50 8.11  ? 9   DC  B P      1 
ATOM   254 P P      B DC  B 1 3 ? 7.178   0.981   2.835   0.50 8.19  ? 9   DC  B P      1 
ATOM   255 O OP1    A DC  B 1 3 ? 8.182   2.402   3.041   0.50 8.03  ? 9   DC  B OP1    1 
ATOM   256 O OP1    B DC  B 1 3 ? 7.162   -0.275  2.046   0.50 8.21  ? 9   DC  B OP1    1 
ATOM   257 O OP2    A DC  B 1 3 ? 6.303   2.880   4.724   0.50 8.26  ? 9   DC  B OP2    1 
ATOM   258 O OP2    B DC  B 1 3 ? 8.306   1.941   2.674   0.50 8.17  ? 9   DC  B OP2    1 
ATOM   259 O "O5'"  A DC  B 1 3 ? 5.805   1.748   2.554   0.50 8.17  ? 9   DC  B "O5'"  1 
ATOM   260 O "O5'"  B DC  B 1 3 ? 5.820   1.765   2.559   0.50 8.19  ? 9   DC  B "O5'"  1 
ATOM   261 C "C5'"  . DC  B 1 3 ? 5.686   2.594   1.408   1.00 8.18  ? 9   DC  B "C5'"  1 
ATOM   262 C "C4'"  . DC  B 1 3 ? 4.234   2.949   1.181   1.00 8.16  ? 9   DC  B "C4'"  1 
ATOM   263 O "O4'"  . DC  B 1 3 ? 3.515   1.766   0.733   1.00 8.53  ? 9   DC  B "O4'"  1 
ATOM   264 C "C3'"  . DC  B 1 3 ? 3.493   3.438   2.423   1.00 8.14  ? 9   DC  B "C3'"  1 
ATOM   265 O "O3'"  . DC  B 1 3 ? 2.588   4.495   2.067   1.00 7.63  ? 9   DC  B "O3'"  1 
ATOM   266 C "C2'"  . DC  B 1 3 ? 2.760   2.195   2.904   1.00 8.30  ? 9   DC  B "C2'"  1 
ATOM   267 C "C1'"  . DC  B 1 3 ? 2.410   1.515   1.593   1.00 8.53  ? 9   DC  B "C1'"  1 
ATOM   268 N N1     . DC  B 1 3 ? 2.197   0.050   1.670   1.00 8.38  ? 9   DC  B N1     1 
ATOM   269 C C2     . DC  B 1 3 ? 0.879   -0.453  1.682   1.00 8.41  ? 9   DC  B C2     1 
ATOM   270 O O2     . DC  B 1 3 ? -0.072  0.329   1.560   1.00 8.46  ? 9   DC  B O2     1 
ATOM   271 N N3     . DC  B 1 3 ? 0.682   -1.780  1.819   1.00 8.52  ? 9   DC  B N3     1 
ATOM   272 C C4     . DC  B 1 3 ? 1.723   -2.602  1.928   1.00 8.61  ? 9   DC  B C4     1 
ATOM   273 N N4     . DC  B 1 3 ? 1.468   -3.897  2.114   1.00 9.05  ? 9   DC  B N4     1 
ATOM   274 C C5     . DC  B 1 3 ? 3.070   -2.129  1.868   1.00 8.39  ? 9   DC  B C5     1 
ATOM   275 C C6     . DC  B 1 3 ? 3.257   -0.809  1.745   1.00 8.47  ? 9   DC  B C6     1 
ATOM   276 H "H5'"  . DC  B 1 3 ? 6.064   2.069   0.531   1.00 8.28  ? 9   DC  B "H5'"  1 
ATOM   277 H "H5''" . DC  B 1 3 ? 6.266   3.509   1.548   1.00 8.26  ? 9   DC  B "H5''" 1 
ATOM   278 H "H4'"  . DC  B 1 3 ? 4.205   3.769   0.461   1.00 8.38  ? 9   DC  B "H4'"  1 
ATOM   279 H "H3'"  . DC  B 1 3 ? 4.193   3.812   3.169   1.00 7.99  ? 9   DC  B "H3'"  1 
ATOM   280 H "H2'"  . DC  B 1 3 ? 3.402   1.576   3.533   1.00 8.43  ? 9   DC  B "H2'"  1 
ATOM   281 H "H2''" . DC  B 1 3 ? 1.875   2.453   3.487   1.00 8.46  ? 9   DC  B "H2''" 1 
ATOM   282 H "H1'"  . DC  B 1 3 ? 1.527   1.969   1.144   1.00 8.28  ? 9   DC  B "H1'"  1 
ATOM   283 D D41    . DC  B 1 3 ? 2.191   -4.601  2.217   1.00 9.37  ? 9   DC  B D41    1 
ATOM   284 D D42    . DC  B 1 3 ? 0.504   -4.177  2.206   1.00 9.66  ? 9   DC  B D42    1 
ATOM   285 H H5     . DC  B 1 3 ? 3.914   -2.817  1.924   1.00 8.35  ? 9   DC  B H5     1 
ATOM   286 H H6     . DC  B 1 3 ? 4.271   -0.413  1.710   1.00 8.43  ? 9   DC  B H6     1 
ATOM   287 P P      . DG  B 1 4 ? 3.083   6.031   2.133   1.00 7.22  ? 10  DG  B P      1 
ATOM   288 O OP1    . DG  B 1 4 ? 3.941   6.196   3.337   1.00 7.19  ? 10  DG  B OP1    1 
ATOM   289 O OP2    . DG  B 1 4 ? 1.901   6.913   1.946   1.00 7.20  ? 10  DG  B OP2    1 
ATOM   290 O "O5'"  . DG  B 1 4 ? 4.014   6.201   0.851   1.00 7.19  ? 10  DG  B "O5'"  1 
ATOM   291 C "C5'"  . DG  B 1 4 ? 3.451   6.183   -0.461  1.00 6.87  ? 10  DG  B "C5'"  1 
ATOM   292 C "C4'"  . DG  B 1 4 ? 4.533   6.355   -1.496  1.00 6.82  ? 10  DG  B "C4'"  1 
ATOM   293 O "O4'"  . DG  B 1 4 ? 5.561   5.368   -1.266  1.00 6.62  ? 10  DG  B "O4'"  1 
ATOM   294 C "C3'"  . DG  B 1 4 ? 4.062   6.155   -2.935  1.00 6.71  ? 10  DG  B "C3'"  1 
ATOM   295 O "O3'"  . DG  B 1 4 ? 3.810   7.435   -3.521  1.00 7.22  ? 10  DG  B "O3'"  1 
ATOM   296 C "C2'"  . DG  B 1 4 ? 5.231   5.467   -3.627  1.00 6.44  ? 10  DG  B "C2'"  1 
ATOM   297 C "C1'"  . DG  B 1 4 ? 6.057   4.849   -2.495  1.00 6.48  ? 10  DG  B "C1'"  1 
ATOM   298 N N9     . DG  B 1 4 ? 6.008   3.389   -2.400  1.00 6.16  ? 10  DG  B N9     1 
ATOM   299 C C8     . DG  B 1 4 ? 7.069   2.515   -2.340  1.00 6.14  ? 10  DG  B C8     1 
ATOM   300 N N7     . DG  B 1 4 ? 6.705   1.271   -2.220  1.00 6.31  ? 10  DG  B N7     1 
ATOM   301 C C5     . DG  B 1 4 ? 5.315   1.325   -2.202  1.00 6.38  ? 10  DG  B C5     1 
ATOM   302 C C6     . DG  B 1 4 ? 4.352   0.293   -2.072  1.00 6.30  ? 10  DG  B C6     1 
ATOM   303 O O6     . DG  B 1 4 ? 4.528   -0.920  -1.935  1.00 6.34  ? 10  DG  B O6     1 
ATOM   304 N N1     . DG  B 1 4 ? 3.061   0.798   -2.098  1.00 6.17  ? 10  DG  B N1     1 
ATOM   305 C C2     . DG  B 1 4 ? 2.738   2.124   -2.226  1.00 6.20  ? 10  DG  B C2     1 
ATOM   306 N N2     . DG  B 1 4 ? 1.447   2.428   -2.218  1.00 6.66  ? 10  DG  B N2     1 
ATOM   307 N N3     . DG  B 1 4 ? 3.612   3.086   -2.342  1.00 6.20  ? 10  DG  B N3     1 
ATOM   308 C C4     . DG  B 1 4 ? 4.875   2.624   -2.322  1.00 6.30  ? 10  DG  B C4     1 
ATOM   309 H "H5'"  . DG  B 1 4 ? 2.729   6.995   -0.560  1.00 6.92  ? 10  DG  B "H5'"  1 
ATOM   310 H "H5''" . DG  B 1 4 ? 2.946   5.232   -0.631  1.00 7.17  ? 10  DG  B "H5''" 1 
ATOM   311 H "H4'"  . DG  B 1 4 ? 4.900   7.381   -1.428  1.00 6.77  ? 10  DG  B "H4'"  1 
ATOM   312 H "H3'"  . DG  B 1 4 ? 3.152   5.557   -2.979  1.00 6.83  ? 10  DG  B "H3'"  1 
ATOM   313 H "H2'"  . DG  B 1 4 ? 4.865   4.705   -4.324  1.00 6.19  ? 10  DG  B "H2'"  1 
ATOM   314 H "H2''" . DG  B 1 4 ? 5.818   6.184   -4.208  1.00 6.61  ? 10  DG  B "H2''" 1 
ATOM   315 H "H1'"  . DG  B 1 4 ? 7.099   5.147   -2.576  1.00 6.56  ? 10  DG  B "H1'"  1 
ATOM   316 H H8     A DG  B 1 4 ? 8.101   2.830   -2.388  0.36 6.19  ? 10  DG  B H8     1 
ATOM   317 D D8     B DG  B 1 4 ? 8.103   2.824   -2.377  0.64 6.15  ? 10  DG  B D8     1 
ATOM   318 D D1     . DG  B 1 4 ? 2.314   0.111   -2.013  1.00 5.72  ? 10  DG  B D1     1 
ATOM   319 D D21    . DG  B 1 4 ? 1.168   3.395   -2.297  1.00 6.71  ? 10  DG  B D21    1 
ATOM   320 D D22    . DG  B 1 4 ? 0.758   1.690   -2.169  1.00 7.11  ? 10  DG  B D22    1 
ATOM   321 P P      . DC  B 1 5 ? 2.393   7.738   -4.216  1.00 7.53  ? 11  DC  B P      1 
ATOM   322 O OP1    . DC  B 1 5 ? 2.510   9.094   -4.822  1.00 7.33  ? 11  DC  B OP1    1 
ATOM   323 O OP2    . DC  B 1 5 ? 1.297   7.456   -3.252  1.00 7.49  ? 11  DC  B OP2    1 
ATOM   324 O "O5'"  . DC  B 1 5 ? 2.324   6.653   -5.379  1.00 7.60  ? 11  DC  B "O5'"  1 
ATOM   325 C "C5'"  . DC  B 1 5 ? 1.737   6.956   -6.635  1.00 7.60  ? 11  DC  B "C5'"  1 
ATOM   326 C "C4'"  . DC  B 1 5 ? 0.862   5.808   -7.073  1.00 7.75  ? 11  DC  B "C4'"  1 
ATOM   327 O "O4'"  . DC  B 1 5 ? 1.702   4.664   -7.354  1.00 7.43  ? 11  DC  B "O4'"  1 
ATOM   328 C "C3'"  . DC  B 1 5 ? -0.148  5.333   -6.026  1.00 7.87  ? 11  DC  B "C3'"  1 
ATOM   329 O "O3'"  . DC  B 1 5 ? -1.358  4.899   -6.669  1.00 8.39  ? 11  DC  B "O3'"  1 
ATOM   330 C "C2'"  . DC  B 1 5 ? 0.552   4.159   -5.371  1.00 7.55  ? 11  DC  B "C2'"  1 
ATOM   331 C "C1'"  . DC  B 1 5 ? 1.274   3.565   -6.557  1.00 7.50  ? 11  DC  B "C1'"  1 
ATOM   332 N N1     . DC  B 1 5 ? 2.446   2.749   -6.226  1.00 6.80  ? 11  DC  B N1     1 
ATOM   333 C C2     . DC  B 1 5 ? 2.242   1.419   -5.864  1.00 6.37  ? 11  DC  B C2     1 
ATOM   334 O O2     . DC  B 1 5 ? 1.076   0.984   -5.794  1.00 5.79  ? 11  DC  B O2     1 
ATOM   335 N N3     . DC  B 1 5 ? 3.300   0.646   -5.605  1.00 6.27  ? 11  DC  B N3     1 
ATOM   336 C C4     . DC  B 1 5 ? 4.528   1.150   -5.688  1.00 7.15  ? 11  DC  B C4     1 
ATOM   337 N N4     . DC  B 1 5 ? 5.536   0.334   -5.458  1.00 7.83  ? 11  DC  B N4     1 
ATOM   338 C C5     . DC  B 1 5 ? 4.771   2.508   -6.026  1.00 6.96  ? 11  DC  B C5     1 
ATOM   339 C C6     . DC  B 1 5 ? 3.707   3.267   -6.284  1.00 6.97  ? 11  DC  B C6     1 
ATOM   340 H "H5'"  . DC  B 1 5 ? 2.518   7.112   -7.381  1.00 7.50  ? 11  DC  B "H5'"  1 
ATOM   341 H "H5''" . DC  B 1 5 ? 1.136   7.862   -6.555  1.00 7.65  ? 11  DC  B "H5''" 1 
ATOM   342 H "H4'"  . DC  B 1 5 ? 0.280   6.145   -7.933  1.00 7.39  ? 11  DC  B "H4'"  1 
ATOM   343 H "H3'"  . DC  B 1 5 ? -0.378  6.121   -5.313  1.00 7.69  ? 11  DC  B "H3'"  1 
ATOM   344 H "H2'"  . DC  B 1 5 ? 1.233   4.478   -4.580  1.00 7.73  ? 11  DC  B "H2'"  1 
ATOM   345 H "H2''" . DC  B 1 5 ? -0.168  3.465   -4.929  1.00 7.37  ? 11  DC  B "H2''" 1 
ATOM   346 H "H1'"  . DC  B 1 5 ? 0.593   2.961   -7.157  1.00 7.20  ? 11  DC  B "H1'"  1 
ATOM   347 D D41    . DC  B 1 5 ? 6.485   0.665   -5.522  1.00 7.94  ? 11  DC  B D41    1 
ATOM   348 D D42    . DC  B 1 5 ? 5.323   -0.603  -5.144  1.00 8.35  ? 11  DC  B D42    1 
ATOM   349 H H5     . DC  B 1 5 ? 5.783   2.918   -6.062  1.00 7.33  ? 11  DC  B H5     1 
ATOM   350 H H6     . DC  B 1 5 ? 3.851   4.317   -6.539  1.00 6.75  ? 11  DC  B H6     1 
ATOM   351 P P      . DG  B 1 6 ? -2.694  5.780   -6.528  1.00 8.96  ? 12  DG  B P      1 
ATOM   352 O OP1    . DG  B 1 6 ? -2.750  6.269   -5.121  1.00 8.87  ? 12  DG  B OP1    1 
ATOM   353 O OP2    . DG  B 1 6 ? -3.829  5.006   -7.078  1.00 9.01  ? 12  DG  B OP2    1 
ATOM   354 O "O5'"  . DG  B 1 6 ? -2.446  7.012   -7.504  1.00 9.32  ? 12  DG  B "O5'"  1 
ATOM   355 C "C5'"  . DG  B 1 6 ? -2.331  6.804   -8.907  1.00 9.81  ? 12  DG  B "C5'"  1 
ATOM   356 C "C4'"  . DG  B 1 6 ? -1.803  8.044   -9.586  1.00 10.00 ? 12  DG  B "C4'"  1 
ATOM   357 O "O4'"  . DG  B 1 6 ? -0.371  8.123   -9.361  1.00 9.91  ? 12  DG  B "O4'"  1 
ATOM   358 C "C3'"  . DG  B 1 6 ? -1.991  8.033   -11.103 1.00 10.24 ? 12  DG  B "C3'"  1 
ATOM   359 O "O3'"  . DG  B 1 6 ? -2.274  9.360   -11.573 1.00 11.01 ? 12  DG  B "O3'"  1 
ATOM   360 C "C2'"  . DG  B 1 6 ? -0.648  7.548   -11.617 1.00 10.16 ? 12  DG  B "C2'"  1 
ATOM   361 C "C1'"  . DG  B 1 6 ? 0.306   8.163   -10.607 1.00 9.85  ? 12  DG  B "C1'"  1 
ATOM   362 N N9     . DG  B 1 6 ? 1.595   7.484   -10.454 1.00 9.38  ? 12  DG  B N9     1 
ATOM   363 C C8     . DG  B 1 6 ? 2.830   8.081   -10.436 1.00 9.26  ? 12  DG  B C8     1 
ATOM   364 N N7     . DG  B 1 6 ? 3.813   7.236   -10.302 1.00 9.28  ? 12  DG  B N7     1 
ATOM   365 C C5     . DG  B 1 6 ? 3.190   5.996   -10.219 1.00 9.26  ? 12  DG  B C5     1 
ATOM   366 C C6     . DG  B 1 6 ? 3.743   4.697   -10.061 1.00 9.09  ? 12  DG  B C6     1 
ATOM   367 O O6     . DG  B 1 6 ? 4.934   4.373   -9.990  1.00 9.25  ? 12  DG  B O6     1 
ATOM   368 N N1     . DG  B 1 6 ? 2.747   3.718   -9.990  1.00 9.28  ? 12  DG  B N1     1 
ATOM   369 C C2     . DG  B 1 6 ? 1.402   3.976   -10.082 1.00 9.02  ? 12  DG  B C2     1 
ATOM   370 N N2     . DG  B 1 6 ? 0.605   2.939   -9.985  1.00 8.88  ? 12  DG  B N2     1 
ATOM   371 N N3     . DG  B 1 6 ? 0.879   5.178   -10.249 1.00 9.14  ? 12  DG  B N3     1 
ATOM   372 C C4     . DG  B 1 6 ? 1.819   6.133   -10.304 1.00 9.31  ? 12  DG  B C4     1 
ATOM   373 H "H5'"  . DG  B 1 6 ? -3.307  6.558   -9.323  1.00 9.74  ? 12  DG  B "H5'"  1 
ATOM   374 H "H5''" . DG  B 1 6 ? -1.642  5.982   -9.098  1.00 9.69  ? 12  DG  B "H5''" 1 
ATOM   375 H "H4'"  . DG  B 1 6 ? -2.356  8.905   -9.204  1.00 10.33 ? 12  DG  B "H4'"  1 
ATOM   376 H "H3'"  . DG  B 1 6 ? -2.804  7.372   -11.389 1.00 10.71 ? 12  DG  B "H3'"  1 
ATOM   377 D "DO3'" . DG  B 1 6 ? -1.692  9.541   -12.321 1.00 11.38 ? 12  DG  B "DO3'" 1 
ATOM   378 H "H2'"  . DG  B 1 6 ? -0.596  6.460   -11.632 1.00 10.03 ? 12  DG  B "H2'"  1 
ATOM   379 H "H2''" . DG  B 1 6 ? -0.458  7.903   -12.629 1.00 10.33 ? 12  DG  B "H2''" 1 
ATOM   380 H "H1'"  . DG  B 1 6 ? 0.494   9.212   -10.848 1.00 9.99  ? 12  DG  B "H1'"  1 
ATOM   381 H H8     A DG  B 1 6 ? 2.975   9.147   -10.527 0.15 9.28  ? 12  DG  B H8     1 
ATOM   382 D D8     B DG  B 1 6 ? 2.973   9.147   -10.511 0.85 9.45  ? 12  DG  B D8     1 
ATOM   383 D D1     . DG  B 1 6 ? 3.011   2.739   -9.855  1.00 8.61  ? 12  DG  B D1     1 
ATOM   384 D D21    . DG  B 1 6 ? -0.387  3.106   -10.040 1.00 8.78  ? 12  DG  B D21    1 
ATOM   385 D D22    . DG  B 1 6 ? 1.012   2.025   -9.890  1.00 9.17  ? 12  DG  B D22    1 
HETATM 386 N N1     . SPW C 2 . ? -4.171  -9.026  -1.627  1.00 17.28 ? 13  SPW A N1     1 
HETATM 387 C C2     . SPW C 2 . ? -2.848  -8.484  -1.278  1.00 17.61 ? 13  SPW A C2     1 
HETATM 388 C C3     . SPW C 2 . ? -2.902  -7.569  -0.054  1.00 18.12 ? 13  SPW A C3     1 
HETATM 389 C C4     . SPW C 2 . ? -1.509  -7.016  0.270   1.00 18.84 ? 13  SPW A C4     1 
HETATM 390 N N5     . SPW C 2 . ? -0.768  -7.899  1.241   1.00 19.35 ? 13  SPW A N5     1 
HETATM 391 C C6     . SPW C 2 . ? 0.549   -7.320  1.703   1.00 19.41 ? 13  SPW A C6     1 
HETATM 392 C C7     . SPW C 2 . ? 1.210   -8.268  2.705   1.00 19.94 ? 13  SPW A C7     1 
HETATM 393 C C8     . SPW C 2 . ? 1.904   -7.510  3.839   1.00 20.38 ? 13  SPW A C8     1 
HETATM 394 C C9     . SPW C 2 . ? 2.555   -8.468  4.845   1.00 21.02 ? 13  SPW A C9     1 
HETATM 395 N N10    . SPW C 2 . ? 3.247   -7.739  5.976   1.00 21.22 ? 13  SPW A N10    1 
HETATM 396 C C11    . SPW C 2 . ? 3.321   -8.562  7.237   1.00 22.01 ? 13  SPW A C11    1 
HETATM 397 C C12    . SPW C 2 . ? 4.413   -8.060  8.181   1.00 22.53 ? 13  SPW A C12    1 
HETATM 398 C C13    . SPW C 2 . ? 4.482   -8.908  9.453   1.00 23.34 ? 13  SPW A C13    1 
HETATM 399 N N14    . SPW C 2 . ? 5.539   -8.422  10.361  1.00 24.02 ? 13  SPW A N14    1 
HETATM 400 D D1A    . SPW C 2 . ? -4.836  -8.266  -1.843  1.00 17.44 ? 13  SPW A D1A    1 
HETATM 401 D D1B    . SPW C 2 . ? -4.533  -9.576  -0.824  1.00 17.63 ? 13  SPW A D1B    1 
HETATM 402 D D1C    . SPW C 2 . ? -4.093  -9.632  -2.454  1.00 17.21 ? 13  SPW A D1C    1 
HETATM 403 D D5A    . SPW C 2 . ? -0.593  -8.766  0.803   1.00 19.36 ? 13  SPW A D5A    1 
HETATM 404 D D5B    . SPW C 2 . ? -1.339  -8.054  2.020   1.00 19.62 ? 13  SPW A D5B    1 
HETATM 405 D DXT    . SPW C 2 . ? 2.758   -6.917  6.171   1.00 21.31 ? 13  SPW A DXT    1 
HETATM 406 D DXU    . SPW C 2 . ? 4.151   -7.503  5.698   1.00 21.60 ? 13  SPW A DXU    1 
HETATM 407 D DXX    . SPW C 2 . ? 5.324   -7.436  10.617  1.00 24.24 ? 13  SPW A DXX    1 
HETATM 408 D DXY    . SPW C 2 . ? 6.454   -8.475  9.874   1.00 24.25 ? 13  SPW A DXY    1 
HETATM 409 D DXZ    . SPW C 2 . ? 5.597   -8.993  11.229  1.00 24.40 ? 13  SPW A DXZ    1 
HETATM 410 H H2A    . SPW C 2 . ? -2.435  -7.925  -2.122  1.00 17.80 ? 13  SPW A H2A    1 
HETATM 411 H H2B    . SPW C 2 . ? -2.194  -9.327  -1.044  1.00 17.77 ? 13  SPW A H2B    1 
HETATM 412 H H3A    . SPW C 2 . ? -3.254  -8.132  0.812   1.00 18.54 ? 13  SPW A H3A    1 
HETATM 413 H H3B    . SPW C 2 . ? -3.586  -6.742  -0.255  1.00 18.31 ? 13  SPW A H3B    1 
HETATM 414 H H4A    . SPW C 2 . ? -1.619  -6.029  0.702   1.00 18.71 ? 13  SPW A H4A    1 
HETATM 415 H H4B    . SPW C 2 . ? -0.938  -6.936  -0.653  1.00 18.44 ? 13  SPW A H4B    1 
HETATM 416 H H6A    . SPW C 2 . ? 0.378   -6.351  2.187   1.00 19.73 ? 13  SPW A H6A    1 
HETATM 417 H H6B    . SPW C 2 . ? 1.197   -7.185  0.829   1.00 19.80 ? 13  SPW A H6B    1 
HETATM 418 H H7A    . SPW C 2 . ? 1.945   -8.899  2.204   1.00 19.88 ? 13  SPW A H7A    1 
HETATM 419 H H7B    . SPW C 2 . ? 0.435   -8.909  3.137   1.00 19.90 ? 13  SPW A H7B    1 
HETATM 420 H H8A    . SPW C 2 . ? 1.165   -6.901  4.357   1.00 20.33 ? 13  SPW A H8A    1 
HETATM 421 H H8B    . SPW C 2 . ? 2.672   -6.873  3.410   1.00 20.40 ? 13  SPW A H8B    1 
HETATM 422 H H9A    . SPW C 2 . ? 1.779   -9.099  5.275   1.00 20.40 ? 13  SPW A H9A    1 
HETATM 423 H H9B    . SPW C 2 . ? 3.259   -9.111  4.323   1.00 20.76 ? 13  SPW A H9B    1 
HETATM 424 H H111   . SPW C 2 . ? 3.529   -9.603  6.984   1.00 21.79 ? 13  SPW A H111   1 
HETATM 425 H H112   . SPW C 2 . ? 2.355   -8.523  7.744   1.00 21.85 ? 13  SPW A H112   1 
HETATM 426 H H121   . SPW C 2 . ? 4.213   -7.024  8.454   1.00 22.75 ? 13  SPW A H121   1 
HETATM 427 H H122   . SPW C 2 . ? 5.374   -8.114  7.673   1.00 22.99 ? 13  SPW A H122   1 
HETATM 428 H H131   . SPW C 2 . ? 4.699   -9.939  9.178   1.00 23.16 ? 13  SPW A H131   1 
HETATM 429 H H132   . SPW C 2 . ? 3.517   -8.890  9.963   1.00 23.19 ? 13  SPW A H132   1 
HETATM 430 O O      . DOD D 3 . ? 9.014   1.200   -8.222  1.00 5.04  ? 102 DOD A O      1 
HETATM 431 D D1     . DOD D 3 . ? 8.834   0.313   -8.543  1.00 5.43  ? 102 DOD A D1     1 
HETATM 432 D D2     . DOD D 3 . ? 9.145   1.722   -9.013  1.00 5.42  ? 102 DOD A D2     1 
HETATM 433 O O      . DOD D 3 . ? -10.354 3.809   5.840   1.00 45.57 ? 104 DOD A O      1 
HETATM 434 O O      . DOD D 3 . ? -3.207  -7.630  2.886   1.00 45.77 ? 106 DOD A O      1 
HETATM 435 O O      . DOD D 3 . ? -2.378  -2.217  -6.255  1.00 13.39 ? 108 DOD A O      1 
HETATM 436 D D1     . DOD D 3 . ? -1.817  -2.427  -7.006  1.00 13.36 ? 108 DOD A D1     1 
HETATM 437 D D2     . DOD D 3 . ? -3.277  -2.348  -6.563  1.00 13.20 ? 108 DOD A D2     1 
HETATM 438 O O      . DOD D 3 . ? -6.183  -7.843  -6.253  1.00 23.16 ? 109 DOD A O      1 
HETATM 439 D D1     . DOD D 3 . ? -6.113  -7.711  -7.198  1.00 23.19 ? 109 DOD A D1     1 
HETATM 440 D D2     . DOD D 3 . ? -6.121  -6.962  -5.871  1.00 22.98 ? 109 DOD A D2     1 
HETATM 441 O O      . DOD D 3 . ? -4.738  -6.336  6.571   1.00 8.18  ? 110 DOD A O      1 
HETATM 442 D D1     . DOD D 3 . ? -5.050  -6.017  7.416   1.00 8.04  ? 110 DOD A D1     1 
HETATM 443 D D2     . DOD D 3 . ? -5.396  -6.024  5.955   1.00 7.90  ? 110 DOD A D2     1 
HETATM 444 O O      . DOD D 3 . ? -1.526  1.543   -4.051  1.00 23.29 ? 111 DOD A O      1 
HETATM 445 D D1     . DOD D 3 . ? -0.906  0.826   -4.229  1.00 23.28 ? 111 DOD A D1     1 
HETATM 446 D D2     . DOD D 3 . ? -1.635  1.581   -3.098  1.00 23.04 ? 111 DOD A D2     1 
HETATM 447 O O      . DOD D 3 . ? -6.838  3.634   0.559   1.00 17.51 ? 114 DOD A O      1 
HETATM 448 D D1     . DOD D 3 . ? -6.439  4.382   0.988   1.00 17.07 ? 114 DOD A D1     1 
HETATM 449 D D2     . DOD D 3 . ? -6.992  3.015   1.282   1.00 17.26 ? 114 DOD A D2     1 
HETATM 450 O O      . DOD D 3 . ? -10.549 8.232   10.648  1.00 36.96 ? 117 DOD A O      1 
HETATM 451 O O      . DOD D 3 . ? -2.396  5.300   6.824   1.00 7.55  ? 120 DOD A O      1 
HETATM 452 D D1     . DOD D 3 . ? -2.861  5.610   6.051   1.00 7.60  ? 120 DOD A D1     1 
HETATM 453 D D2     . DOD D 3 . ? -1.479  5.244   6.545   1.00 7.64  ? 120 DOD A D2     1 
HETATM 454 O O      . DOD D 3 . ? -4.427  2.281   -0.312  1.00 12.99 ? 122 DOD A O      1 
HETATM 455 D D1     . DOD D 3 . ? -4.745  1.962   -1.153  1.00 13.10 ? 122 DOD A D1     1 
HETATM 456 D D2     . DOD D 3 . ? -5.194  2.247   0.266   1.00 12.82 ? 122 DOD A D2     1 
HETATM 457 O O      . DOD D 3 . ? 5.779   -8.152  -9.886  1.00 54.47 ? 126 DOD A O      1 
HETATM 458 O O      . DOD D 3 . ? -4.420  6.574   0.133   1.00 14.55 ? 127 DOD A O      1 
HETATM 459 D D1     . DOD D 3 . ? -4.731  5.670   0.128   1.00 14.63 ? 127 DOD A D1     1 
HETATM 460 D D2     . DOD D 3 . ? -4.490  6.847   1.053   1.00 14.39 ? 127 DOD A D2     1 
HETATM 461 O O      . DOD D 3 . ? -8.723  2.854   -2.905  1.00 25.33 ? 128 DOD A O      1 
HETATM 462 D D1     . DOD D 3 . ? -7.989  3.406   -3.203  1.00 25.05 ? 128 DOD A D1     1 
HETATM 463 D D2     . DOD D 3 . ? -9.357  2.851   -3.627  1.00 25.14 ? 128 DOD A D2     1 
HETATM 464 O O      . DOD D 3 . ? 6.717   -3.386  -7.014  1.00 18.57 ? 129 DOD A O      1 
HETATM 465 D D1     . DOD D 3 . ? 7.536   -3.727  -6.658  1.00 18.92 ? 129 DOD A D1     1 
HETATM 466 D D2     . DOD D 3 . ? 6.357   -2.877  -6.291  1.00 18.74 ? 129 DOD A D2     1 
HETATM 467 O O      . DOD D 3 . ? -9.768  3.671   0.265   1.00 33.53 ? 131 DOD A O      1 
HETATM 468 D D1     . DOD D 3 . ? -8.915  3.701   0.701   1.00 33.52 ? 131 DOD A D1     1 
HETATM 469 D D2     . DOD D 3 . ? -10.402 3.751   0.977   1.00 33.25 ? 131 DOD A D2     1 
HETATM 470 O O      . DOD D 3 . ? 5.994   -11.126 12.011  1.00 24.59 ? 132 DOD A O      1 
HETATM 471 D D1     . DOD D 3 . ? 5.498   -10.566 12.602  1.00 24.34 ? 132 DOD A D1     1 
HETATM 472 D D2     . DOD D 3 . ? 6.338   -11.824 12.577  1.00 24.80 ? 132 DOD A D2     1 
HETATM 473 O O      . DOD D 3 . ? -4.103  9.325   4.449   1.00 58.71 ? 133 DOD A O      1 
HETATM 474 O O      . DOD D 3 . ? -9.340  5.640   -3.145  1.00 70.16 ? 134 DOD A O      1 
HETATM 475 O O      . DOD D 3 . ? 3.719   -7.079  12.262  1.00 43.35 ? 135 DOD A O      1 
HETATM 476 O O      . DOD D 3 . ? -0.612  2.498   6.467   1.00 19.53 ? 137 DOD A O      1 
HETATM 477 D D1     . DOD D 3 . ? -0.679  3.362   6.061   1.00 19.60 ? 137 DOD A D1     1 
HETATM 478 D D2     . DOD D 3 . ? -0.251  2.667   7.340   1.00 19.52 ? 137 DOD A D2     1 
HETATM 479 O O      . DOD D 3 . ? 0.007   -5.951  -13.199 1.00 21.85 ? 138 DOD A O      1 
HETATM 480 D D1     . DOD D 3 . ? -0.934  -6.037  -13.386 1.00 21.73 ? 138 DOD A D1     1 
HETATM 481 D D2     . DOD D 3 . ? 0.257   -6.727  -12.686 1.00 21.64 ? 138 DOD A D2     1 
HETATM 482 O O      . DOD D 3 . ? 0.104   -9.008  -9.574  1.00 70.82 ? 142 DOD A O      1 
HETATM 483 O O      . DOD D 3 . ? -3.941  9.849   1.382   1.00 70.13 ? 143 DOD A O      1 
HETATM 484 O O      . DOD E 3 . ? 0.826   5.184   -2.126  1.00 15.07 ? 100 DOD B O      1 
HETATM 485 D D1     . DOD E 3 . ? 0.807   6.142   -2.050  1.00 15.02 ? 100 DOD B D1     1 
HETATM 486 D D2     . DOD E 3 . ? -0.043  4.894   -1.843  1.00 14.99 ? 100 DOD B D2     1 
HETATM 487 O O      . DOD E 3 . ? 5.452   5.535   -7.438  1.00 18.74 ? 101 DOD B O      1 
HETATM 488 D D1     . DOD E 3 . ? 6.003   6.234   -7.102  1.00 19.15 ? 101 DOD B D1     1 
HETATM 489 D D2     . DOD E 3 . ? 5.909   5.230   -8.225  1.00 18.68 ? 101 DOD B D2     1 
HETATM 490 O O      . DOD E 3 . ? 2.779   2.840   6.265   1.00 12.92 ? 103 DOD B O      1 
HETATM 491 D D1     . DOD E 3 . ? 1.833   2.937   6.391   1.00 12.73 ? 103 DOD B D1     1 
HETATM 492 D D2     . DOD E 3 . ? 3.067   3.691   5.933   1.00 12.62 ? 103 DOD B D2     1 
HETATM 493 O O      . DOD E 3 . ? 4.249   11.444  -4.583  1.00 21.01 ? 105 DOD B O      1 
HETATM 494 D D1     . DOD E 3 . ? 3.407   11.651  -4.991  1.00 21.18 ? 105 DOD B D1     1 
HETATM 495 D D2     . DOD E 3 . ? 4.866   11.421  -5.315  1.00 21.07 ? 105 DOD B D2     1 
HETATM 496 O O      . DOD E 3 . ? 6.038   8.291   -7.810  1.00 18.15 ? 107 DOD B O      1 
HETATM 497 D D1     . DOD E 3 . ? 6.987   8.430   -7.792  1.00 18.27 ? 107 DOD B D1     1 
HETATM 498 D D2     . DOD E 3 . ? 5.786   8.515   -8.707  1.00 18.34 ? 107 DOD B D2     1 
HETATM 499 O O      . DOD E 3 . ? -2.436  2.947   -8.699  1.00 34.73 ? 112 DOD B O      1 
HETATM 500 D D1     . DOD E 3 . ? -3.340  3.160   -8.931  1.00 34.70 ? 112 DOD B D1     1 
HETATM 501 D D2     . DOD E 3 . ? -2.446  2.891   -7.744  1.00 34.63 ? 112 DOD B D2     1 
HETATM 502 O O      . DOD E 3 . ? -0.645  2.777   3.187   1.00 18.23 ? 113 DOD B O      1 
HETATM 503 D D1     . DOD E 3 . ? -1.074  3.632   3.098   1.00 17.56 ? 113 DOD B D1     1 
HETATM 504 D D2     . DOD E 3 . ? -1.250  2.232   3.703   1.00 18.43 ? 113 DOD B D2     1 
HETATM 505 O O      . DOD E 3 . ? 5.193   -3.940  11.995  1.00 39.41 ? 115 DOD B O      1 
HETATM 506 O O      . DOD E 3 . ? 7.940   4.856   -6.189  1.00 12.12 ? 116 DOD B O      1 
HETATM 507 D D1     . DOD E 3 . ? 8.385   5.225   -5.421  1.00 12.15 ? 116 DOD B D1     1 
HETATM 508 D D2     . DOD E 3 . ? 8.640   4.695   -6.819  1.00 12.08 ? 116 DOD B D2     1 
HETATM 509 O O      . DOD E 3 . ? -0.807  0.531   -7.512  1.00 15.22 ? 118 DOD B O      1 
HETATM 510 D D1     . DOD E 3 . ? -1.525  0.586   -6.877  1.00 14.90 ? 118 DOD B D1     1 
HETATM 511 D D2     . DOD E 3 . ? -1.227  0.438   -8.369  1.00 14.78 ? 118 DOD B D2     1 
HETATM 512 O O      . DOD E 3 . ? 3.689   -5.904  1.276   1.00 29.10 ? 119 DOD B O      1 
HETATM 513 D D1     . DOD E 3 . ? 4.313   -5.252  0.959   1.00 29.20 ? 119 DOD B D1     1 
HETATM 514 D D2     . DOD E 3 . ? 3.111   -6.056  0.528   1.00 29.02 ? 119 DOD B D2     1 
HETATM 515 O O      . DOD E 3 . ? -0.312  2.987   9.678   1.00 33.69 ? 121 DOD B O      1 
HETATM 516 D D1     . DOD E 3 . ? -0.601  2.723   10.555  1.00 33.81 ? 121 DOD B D1     1 
HETATM 517 D D2     . DOD E 3 . ? 0.174   3.799   9.823   1.00 33.67 ? 121 DOD B D2     1 
HETATM 518 O O      . DOD E 3 . ? -4.860  -5.674  9.489   1.00 20.01 ? 123 DOD B O      1 
HETATM 519 O O      . DOD E 3 . ? -1.542  2.447   -0.009  1.00 48.79 ? 124 DOD B O      1 
HETATM 520 O O      . DOD E 3 . ? 4.526   5.239   5.944   1.00 49.78 ? 125 DOD B O      1 
HETATM 521 O O      . DOD E 3 . ? 8.803   1.435   6.593   1.00 20.98 ? 130 DOD B O      1 
HETATM 522 D D1     . DOD E 3 . ? 8.078   1.963   6.258   1.00 21.06 ? 130 DOD B D1     1 
HETATM 523 D D2     . DOD E 3 . ? 9.552   1.668   6.034   1.00 21.47 ? 130 DOD B D2     1 
HETATM 524 O O      . DOD E 3 . ? 6.016   -2.001  0.430   1.00 63.01 ? 136 DOD B O      1 
HETATM 525 O O      . DOD E 3 . ? -1.982  10.121  -14.359 1.00 21.45 ? 139 DOD B O      1 
HETATM 526 D D1     . DOD E 3 . ? -1.263  9.523   -14.155 1.00 21.76 ? 139 DOD B D1     1 
HETATM 527 D D2     . DOD E 3 . ? -1.657  10.973  -14.063 1.00 21.92 ? 139 DOD B D2     1 
HETATM 528 O O      . DOD E 3 . ? 0.787   -5.237  8.295   1.00 45.20 ? 140 DOD B O      1 
HETATM 529 O O      . DOD E 3 . ? -0.657  5.175   2.189   1.00 28.51 ? 141 DOD B O      1 
HETATM 530 D D1     . DOD E 3 . ? -0.232  5.725   2.856   1.00 27.71 ? 141 DOD B D1     1 
HETATM 531 D D2     . DOD E 3 . ? -0.308  5.470   1.346   1.00 27.90 ? 141 DOD B D2     1 
# 
loop_
_pdbx_poly_seq_scheme.asym_id 
_pdbx_poly_seq_scheme.entity_id 
_pdbx_poly_seq_scheme.seq_id 
_pdbx_poly_seq_scheme.mon_id 
_pdbx_poly_seq_scheme.ndb_seq_num 
_pdbx_poly_seq_scheme.pdb_seq_num 
_pdbx_poly_seq_scheme.auth_seq_num 
_pdbx_poly_seq_scheme.pdb_mon_id 
_pdbx_poly_seq_scheme.auth_mon_id 
_pdbx_poly_seq_scheme.pdb_strand_id 
_pdbx_poly_seq_scheme.pdb_ins_code 
_pdbx_poly_seq_scheme.hetero 
A 1 1 DC 1 1  1  DC C A . n 
A 1 2 DG 2 2  2  DG G A . n 
A 1 3 DC 3 3  3  DC C A . n 
A 1 4 DG 4 4  4  DG G A . n 
A 1 5 DC 5 5  5  DC C A . n 
A 1 6 DG 6 6  6  DG G A . n 
B 1 1 DC 1 7  7  DC C B . n 
B 1 2 DG 2 8  8  DG G B . n 
B 1 3 DC 3 9  9  DC C B . n 
B 1 4 DG 4 10 10 DG G B . n 
B 1 5 DC 5 11 11 DC C B . n 
B 1 6 DG 6 12 12 DG G B . n 
# 
loop_
_pdbx_nonpoly_scheme.asym_id 
_pdbx_nonpoly_scheme.entity_id 
_pdbx_nonpoly_scheme.mon_id 
_pdbx_nonpoly_scheme.ndb_seq_num 
_pdbx_nonpoly_scheme.pdb_seq_num 
_pdbx_nonpoly_scheme.auth_seq_num 
_pdbx_nonpoly_scheme.pdb_mon_id 
_pdbx_nonpoly_scheme.auth_mon_id 
_pdbx_nonpoly_scheme.pdb_strand_id 
_pdbx_nonpoly_scheme.pdb_ins_code 
C 2 SPW 1  13  13  SPW SPW A . 
D 3 DOD 1  102 102 DOD DOD A . 
D 3 DOD 2  104 104 DOD DOD A . 
D 3 DOD 3  106 106 DOD DOD A . 
D 3 DOD 4  108 108 DOD DOD A . 
D 3 DOD 5  109 109 DOD DOD A . 
D 3 DOD 6  110 110 DOD DOD A . 
D 3 DOD 7  111 111 DOD DOD A . 
D 3 DOD 8  114 114 DOD DOD A . 
D 3 DOD 9  117 117 DOD DOD A . 
D 3 DOD 10 120 120 DOD DOD A . 
D 3 DOD 11 122 122 DOD DOD A . 
D 3 DOD 12 126 126 DOD DOD A . 
D 3 DOD 13 127 127 DOD DOD A . 
D 3 DOD 14 128 128 DOD DOD A . 
D 3 DOD 15 129 129 DOD DOD A . 
D 3 DOD 16 131 131 DOD DOD A . 
D 3 DOD 17 132 132 DOD DOD A . 
D 3 DOD 18 133 133 DOD DOD A . 
D 3 DOD 19 134 134 DOD DOD A . 
D 3 DOD 20 135 135 DOD DOD A . 
D 3 DOD 21 137 137 DOD DOD A . 
D 3 DOD 22 138 138 DOD DOD A . 
D 3 DOD 23 142 142 DOD DOD A . 
D 3 DOD 24 143 143 DOD DOD A . 
E 3 DOD 1  100 100 DOD DOD B . 
E 3 DOD 2  101 101 DOD DOD B . 
E 3 DOD 3  103 103 DOD DOD B . 
E 3 DOD 4  105 105 DOD DOD B . 
E 3 DOD 5  107 107 DOD DOD B . 
E 3 DOD 6  112 112 DOD DOD B . 
E 3 DOD 7  113 113 DOD DOD B . 
E 3 DOD 8  115 115 DOD DOD B . 
E 3 DOD 9  116 116 DOD DOD B . 
E 3 DOD 10 118 118 DOD DOD B . 
E 3 DOD 11 119 119 DOD DOD B . 
E 3 DOD 12 121 121 DOD DOD B . 
E 3 DOD 13 123 123 DOD DOD B . 
E 3 DOD 14 124 124 DOD DOD B . 
E 3 DOD 15 125 125 DOD DOD B . 
E 3 DOD 16 130 130 DOD DOD B . 
E 3 DOD 17 136 136 DOD DOD B . 
E 3 DOD 18 139 139 DOD DOD B . 
E 3 DOD 19 140 140 DOD DOD B . 
E 3 DOD 20 141 141 DOD DOD B . 
# 
_pdbx_struct_assembly.id                   1 
_pdbx_struct_assembly.details              author_defined_assembly 
_pdbx_struct_assembly.method_details       ? 
_pdbx_struct_assembly.oligomeric_details   dimeric 
_pdbx_struct_assembly.oligomeric_count     2 
# 
_pdbx_struct_assembly_gen.assembly_id       1 
_pdbx_struct_assembly_gen.oper_expression   1 
_pdbx_struct_assembly_gen.asym_id_list      A,B,C,D,E 
# 
_pdbx_struct_oper_list.id                   1 
_pdbx_struct_oper_list.type                 'identity operation' 
_pdbx_struct_oper_list.name                 1_555 
_pdbx_struct_oper_list.symmetry_operation   x,y,z 
_pdbx_struct_oper_list.matrix[1][1]         1.0000000000 
_pdbx_struct_oper_list.matrix[1][2]         0.0000000000 
_pdbx_struct_oper_list.matrix[1][3]         0.0000000000 
_pdbx_struct_oper_list.vector[1]            0.0000000000 
_pdbx_struct_oper_list.matrix[2][1]         0.0000000000 
_pdbx_struct_oper_list.matrix[2][2]         1.0000000000 
_pdbx_struct_oper_list.matrix[2][3]         0.0000000000 
_pdbx_struct_oper_list.vector[2]            0.0000000000 
_pdbx_struct_oper_list.matrix[3][1]         0.0000000000 
_pdbx_struct_oper_list.matrix[3][2]         0.0000000000 
_pdbx_struct_oper_list.matrix[3][3]         1.0000000000 
_pdbx_struct_oper_list.vector[3]            0.0000000000 
# 
loop_
_pdbx_audit_revision_history.ordinal 
_pdbx_audit_revision_history.data_content_type 
_pdbx_audit_revision_history.major_revision 
_pdbx_audit_revision_history.minor_revision 
_pdbx_audit_revision_history.revision_date 
1 'Structure model' 1 0 2005-01-26 
2 'Structure model' 1 1 2008-04-27 
3 'Structure model' 1 2 2011-07-13 
4 'Structure model' 1 3 2013-08-21 
5 'Structure model' 1 4 2018-03-07 
6 'Structure model' 1 5 2018-06-20 
7 'Structure model' 1 6 2018-11-28 
8 'Structure model' 1 7 2018-12-05 
9 'Structure model' 1 8 2023-10-25 
# 
_pdbx_audit_revision_details.ordinal             1 
_pdbx_audit_revision_details.revision_ordinal    1 
_pdbx_audit_revision_details.data_content_type   'Structure model' 
_pdbx_audit_revision_details.provider            repository 
_pdbx_audit_revision_details.type                'Initial release' 
_pdbx_audit_revision_details.description         ? 
_pdbx_audit_revision_details.details             ? 
# 
loop_
_pdbx_audit_revision_group.ordinal 
_pdbx_audit_revision_group.revision_ordinal 
_pdbx_audit_revision_group.data_content_type 
_pdbx_audit_revision_group.group 
1  2 'Structure model' 'Version format compliance' 
2  3 'Structure model' 'Non-polymer description'   
3  3 'Structure model' 'Version format compliance' 
4  4 'Structure model' 'Derived calculations'      
5  4 'Structure model' Other                       
6  5 'Structure model' 'Data collection'           
7  6 'Structure model' 'Data collection'           
8  6 'Structure model' 'Experimental preparation'  
9  7 'Structure model' 'Data collection'           
10 7 'Structure model' 'Source and taxonomy'       
11 8 'Structure model' 'Data collection'           
12 9 'Structure model' 'Data collection'           
13 9 'Structure model' 'Database references'       
14 9 'Structure model' 'Derived calculations'      
15 9 'Structure model' 'Refinement description'    
# 
loop_
_pdbx_audit_revision_category.ordinal 
_pdbx_audit_revision_category.revision_ordinal 
_pdbx_audit_revision_category.data_content_type 
_pdbx_audit_revision_category.category 
1  5 'Structure model' diffrn_detector               
2  6 'Structure model' exptl_crystal_grow            
3  7 'Structure model' diffrn_detector               
4  7 'Structure model' diffrn_source                 
5  7 'Structure model' pdbx_entity_src_syn           
6  8 'Structure model' diffrn_radiation              
7  9 'Structure model' chem_comp_atom                
8  9 'Structure model' chem_comp_bond                
9  9 'Structure model' database_2                    
10 9 'Structure model' pdbx_initial_refinement_model 
11 9 'Structure model' struct_site                   
# 
loop_
_pdbx_audit_revision_item.ordinal 
_pdbx_audit_revision_item.revision_ordinal 
_pdbx_audit_revision_item.data_content_type 
_pdbx_audit_revision_item.item 
1  5 'Structure model' '_diffrn_detector.detector'                
2  6 'Structure model' '_exptl_crystal_grow.pdbx_details'         
3  6 'Structure model' '_exptl_crystal_grow.temp'                 
4  7 'Structure model' '_diffrn_detector.detector'                
5  7 'Structure model' '_diffrn_source.pdbx_synchrotron_beamline' 
6  7 'Structure model' '_diffrn_source.pdbx_synchrotron_site'     
7  7 'Structure model' '_diffrn_source.type'                      
8  8 'Structure model' '_diffrn_radiation.pdbx_scattering_type'   
9  9 'Structure model' '_database_2.pdbx_DOI'                     
10 9 'Structure model' '_database_2.pdbx_database_accession'      
11 9 'Structure model' '_struct_site.pdbx_auth_asym_id'           
12 9 'Structure model' '_struct_site.pdbx_auth_comp_id'           
13 9 'Structure model' '_struct_site.pdbx_auth_seq_id'            
# 
loop_
_software.name 
_software.classification 
_software.version 
_software.citation_id 
_software.pdbx_ordinal 
_software.date 
_software.type 
_software.location 
_software.language 
DENZO     'data reduction' . ? 1 ? ? ? ? 
SCALEPACK 'data scaling'   . ? 2 ? ? ? ? 
CNS       refinement       . ? 3 ? ? ? ? 
CNS       phasing          . ? 4 ? ? ? ? 
# 
loop_
_chem_comp_atom.comp_id 
_chem_comp_atom.atom_id 
_chem_comp_atom.type_symbol 
_chem_comp_atom.pdbx_aromatic_flag 
_chem_comp_atom.pdbx_stereo_config 
_chem_comp_atom.pdbx_ordinal 
DC  OP3    O N N 1   
DC  P      P N N 2   
DC  OP1    O N N 3   
DC  OP2    O N N 4   
DC  "O5'"  O N N 5   
DC  "C5'"  C N N 6   
DC  "C4'"  C N R 7   
DC  "O4'"  O N N 8   
DC  "C3'"  C N S 9   
DC  "O3'"  O N N 10  
DC  "C2'"  C N N 11  
DC  "C1'"  C N R 12  
DC  N1     N N N 13  
DC  C2     C N N 14  
DC  O2     O N N 15  
DC  N3     N N N 16  
DC  C4     C N N 17  
DC  N4     N N N 18  
DC  C5     C N N 19  
DC  C6     C N N 20  
DC  HOP3   H N N 21  
DC  HOP2   H N N 22  
DC  "H5'"  H N N 23  
DC  "H5''" H N N 24  
DC  "H4'"  H N N 25  
DC  "H3'"  H N N 26  
DC  "HO3'" H N N 27  
DC  "H2'"  H N N 28  
DC  "H2''" H N N 29  
DC  "H1'"  H N N 30  
DC  H41    H N N 31  
DC  H42    H N N 32  
DC  H5     H N N 33  
DC  H6     H N N 34  
DG  OP3    O N N 35  
DG  P      P N N 36  
DG  OP1    O N N 37  
DG  OP2    O N N 38  
DG  "O5'"  O N N 39  
DG  "C5'"  C N N 40  
DG  "C4'"  C N R 41  
DG  "O4'"  O N N 42  
DG  "C3'"  C N S 43  
DG  "O3'"  O N N 44  
DG  "C2'"  C N N 45  
DG  "C1'"  C N R 46  
DG  N9     N Y N 47  
DG  C8     C Y N 48  
DG  N7     N Y N 49  
DG  C5     C Y N 50  
DG  C6     C N N 51  
DG  O6     O N N 52  
DG  N1     N N N 53  
DG  C2     C N N 54  
DG  N2     N N N 55  
DG  N3     N N N 56  
DG  C4     C Y N 57  
DG  HOP3   H N N 58  
DG  HOP2   H N N 59  
DG  "H5'"  H N N 60  
DG  "H5''" H N N 61  
DG  "H4'"  H N N 62  
DG  "H3'"  H N N 63  
DG  "HO3'" H N N 64  
DG  "H2'"  H N N 65  
DG  "H2''" H N N 66  
DG  "H1'"  H N N 67  
DG  H8     H N N 68  
DG  H1     H N N 69  
DG  H21    H N N 70  
DG  H22    H N N 71  
DOD O      O N N 72  
DOD D1     D N N 73  
DOD D2     D N N 74  
SPW N1     N N N 75  
SPW C2     C N N 76  
SPW C3     C N N 77  
SPW C4     C N N 78  
SPW N5     N N N 79  
SPW C6     C N N 80  
SPW C7     C N N 81  
SPW C8     C N N 82  
SPW C9     C N N 83  
SPW N10    N N N 84  
SPW C11    C N N 85  
SPW C12    C N N 86  
SPW C13    C N N 87  
SPW N14    N N N 88  
SPW D1A    D N N 89  
SPW D1B    D N N 90  
SPW D1C    D N N 91  
SPW D5A    D N N 92  
SPW D5B    D N N 93  
SPW DXT    D N N 94  
SPW DXU    D N N 95  
SPW DXX    D N N 96  
SPW DXY    D N N 97  
SPW DXZ    D N N 98  
SPW H2A    H N N 99  
SPW H2B    H N N 100 
SPW H3A    H N N 101 
SPW H3B    H N N 102 
SPW H4A    H N N 103 
SPW H4B    H N N 104 
SPW H6A    H N N 105 
SPW H6B    H N N 106 
SPW H7A    H N N 107 
SPW H7B    H N N 108 
SPW H8A    H N N 109 
SPW H8B    H N N 110 
SPW H9A    H N N 111 
SPW H9B    H N N 112 
SPW H111   H N N 113 
SPW H112   H N N 114 
SPW H121   H N N 115 
SPW H122   H N N 116 
SPW H131   H N N 117 
SPW H132   H N N 118 
# 
loop_
_chem_comp_bond.comp_id 
_chem_comp_bond.atom_id_1 
_chem_comp_bond.atom_id_2 
_chem_comp_bond.value_order 
_chem_comp_bond.pdbx_aromatic_flag 
_chem_comp_bond.pdbx_stereo_config 
_chem_comp_bond.pdbx_ordinal 
DC  OP3   P      sing N N 1   
DC  OP3   HOP3   sing N N 2   
DC  P     OP1    doub N N 3   
DC  P     OP2    sing N N 4   
DC  P     "O5'"  sing N N 5   
DC  OP2   HOP2   sing N N 6   
DC  "O5'" "C5'"  sing N N 7   
DC  "C5'" "C4'"  sing N N 8   
DC  "C5'" "H5'"  sing N N 9   
DC  "C5'" "H5''" sing N N 10  
DC  "C4'" "O4'"  sing N N 11  
DC  "C4'" "C3'"  sing N N 12  
DC  "C4'" "H4'"  sing N N 13  
DC  "O4'" "C1'"  sing N N 14  
DC  "C3'" "O3'"  sing N N 15  
DC  "C3'" "C2'"  sing N N 16  
DC  "C3'" "H3'"  sing N N 17  
DC  "O3'" "HO3'" sing N N 18  
DC  "C2'" "C1'"  sing N N 19  
DC  "C2'" "H2'"  sing N N 20  
DC  "C2'" "H2''" sing N N 21  
DC  "C1'" N1     sing N N 22  
DC  "C1'" "H1'"  sing N N 23  
DC  N1    C2     sing N N 24  
DC  N1    C6     sing N N 25  
DC  C2    O2     doub N N 26  
DC  C2    N3     sing N N 27  
DC  N3    C4     doub N N 28  
DC  C4    N4     sing N N 29  
DC  C4    C5     sing N N 30  
DC  N4    H41    sing N N 31  
DC  N4    H42    sing N N 32  
DC  C5    C6     doub N N 33  
DC  C5    H5     sing N N 34  
DC  C6    H6     sing N N 35  
DG  OP3   P      sing N N 36  
DG  OP3   HOP3   sing N N 37  
DG  P     OP1    doub N N 38  
DG  P     OP2    sing N N 39  
DG  P     "O5'"  sing N N 40  
DG  OP2   HOP2   sing N N 41  
DG  "O5'" "C5'"  sing N N 42  
DG  "C5'" "C4'"  sing N N 43  
DG  "C5'" "H5'"  sing N N 44  
DG  "C5'" "H5''" sing N N 45  
DG  "C4'" "O4'"  sing N N 46  
DG  "C4'" "C3'"  sing N N 47  
DG  "C4'" "H4'"  sing N N 48  
DG  "O4'" "C1'"  sing N N 49  
DG  "C3'" "O3'"  sing N N 50  
DG  "C3'" "C2'"  sing N N 51  
DG  "C3'" "H3'"  sing N N 52  
DG  "O3'" "HO3'" sing N N 53  
DG  "C2'" "C1'"  sing N N 54  
DG  "C2'" "H2'"  sing N N 55  
DG  "C2'" "H2''" sing N N 56  
DG  "C1'" N9     sing N N 57  
DG  "C1'" "H1'"  sing N N 58  
DG  N9    C8     sing Y N 59  
DG  N9    C4     sing Y N 60  
DG  C8    N7     doub Y N 61  
DG  C8    H8     sing N N 62  
DG  N7    C5     sing Y N 63  
DG  C5    C6     sing N N 64  
DG  C5    C4     doub Y N 65  
DG  C6    O6     doub N N 66  
DG  C6    N1     sing N N 67  
DG  N1    C2     sing N N 68  
DG  N1    H1     sing N N 69  
DG  C2    N2     sing N N 70  
DG  C2    N3     doub N N 71  
DG  N2    H21    sing N N 72  
DG  N2    H22    sing N N 73  
DG  N3    C4     sing N N 74  
DOD O     D1     sing N N 75  
DOD O     D2     sing N N 76  
SPW N1    C2     sing N N 77  
SPW N1    D1A    sing N N 78  
SPW N1    D1B    sing N N 79  
SPW N1    D1C    sing N N 80  
SPW C2    C3     sing N N 81  
SPW C2    H2A    sing N N 82  
SPW C2    H2B    sing N N 83  
SPW C3    C4     sing N N 84  
SPW C3    H3A    sing N N 85  
SPW C3    H3B    sing N N 86  
SPW C4    N5     sing N N 87  
SPW C4    H4A    sing N N 88  
SPW C4    H4B    sing N N 89  
SPW N5    C6     sing N N 90  
SPW N5    D5A    sing N N 91  
SPW N5    D5B    sing N N 92  
SPW C6    C7     sing N N 93  
SPW C6    H6A    sing N N 94  
SPW C6    H6B    sing N N 95  
SPW C7    C8     sing N N 96  
SPW C7    H7A    sing N N 97  
SPW C7    H7B    sing N N 98  
SPW C8    C9     sing N N 99  
SPW C8    H8A    sing N N 100 
SPW C8    H8B    sing N N 101 
SPW C9    N10    sing N N 102 
SPW C9    H9A    sing N N 103 
SPW C9    H9B    sing N N 104 
SPW N10   C11    sing N N 105 
SPW N10   DXT    sing N N 106 
SPW N10   DXU    sing N N 107 
SPW C11   C12    sing N N 108 
SPW C11   H111   sing N N 109 
SPW C11   H112   sing N N 110 
SPW C12   C13    sing N N 111 
SPW C12   H121   sing N N 112 
SPW C12   H122   sing N N 113 
SPW C13   N14    sing N N 114 
SPW C13   H131   sing N N 115 
SPW C13   H132   sing N N 116 
SPW N14   DXX    sing N N 117 
SPW N14   DXY    sing N N 118 
SPW N14   DXZ    sing N N 119 
# 
_ndb_struct_conf_na.entry_id   1V9G 
_ndb_struct_conf_na.feature    'z-form double helix' 
# 
loop_
_ndb_struct_na_base_pair.model_number 
_ndb_struct_na_base_pair.i_label_asym_id 
_ndb_struct_na_base_pair.i_label_comp_id 
_ndb_struct_na_base_pair.i_label_seq_id 
_ndb_struct_na_base_pair.i_symmetry 
_ndb_struct_na_base_pair.j_label_asym_id 
_ndb_struct_na_base_pair.j_label_comp_id 
_ndb_struct_na_base_pair.j_label_seq_id 
_ndb_struct_na_base_pair.j_symmetry 
_ndb_struct_na_base_pair.shear 
_ndb_struct_na_base_pair.stretch 
_ndb_struct_na_base_pair.stagger 
_ndb_struct_na_base_pair.buckle 
_ndb_struct_na_base_pair.propeller 
_ndb_struct_na_base_pair.opening 
_ndb_struct_na_base_pair.pair_number 
_ndb_struct_na_base_pair.pair_name 
_ndb_struct_na_base_pair.i_auth_asym_id 
_ndb_struct_na_base_pair.i_auth_seq_id 
_ndb_struct_na_base_pair.i_PDB_ins_code 
_ndb_struct_na_base_pair.j_auth_asym_id 
_ndb_struct_na_base_pair.j_auth_seq_id 
_ndb_struct_na_base_pair.j_PDB_ins_code 
_ndb_struct_na_base_pair.hbond_type_28 
_ndb_struct_na_base_pair.hbond_type_12 
1 A DC 1 1_555 B DG 6 1_555 -0.160 -0.029 0.013 9.656  5.134 0.650  1 A_DC1:DG12_B A 1 ? B 12 ? 19 1 
1 A DG 2 1_555 B DC 5 1_555 0.181  -0.018 0.048 -6.965 3.645 0.099  2 A_DG2:DC11_B A 2 ? B 11 ? 19 1 
1 A DC 3 1_555 B DG 4 1_555 -0.694 -0.211 0.121 2.690  6.183 2.087  3 A_DC3:DG10_B A 3 ? B 10 ? 19 1 
1 A DG 4 1_555 B DC 3 1_555 0.452  -0.123 0.393 -3.245 3.734 1.368  4 A_DG4:DC9_B  A 4 ? B 9  ? 19 1 
1 A DC 5 1_555 B DG 2 1_555 -0.211 0.110  0.000 5.656  0.522 -1.275 5 A_DC5:DG8_B  A 5 ? B 8  ? 19 1 
1 A DG 6 1_555 B DC 1 1_555 0.090  -0.043 0.630 5.333  2.714 1.327  6 A_DG6:DC7_B  A 6 ? B 7  ? 19 1 
# 
loop_
_ndb_struct_na_base_pair_step.model_number 
_ndb_struct_na_base_pair_step.i_label_asym_id_1 
_ndb_struct_na_base_pair_step.i_label_comp_id_1 
_ndb_struct_na_base_pair_step.i_label_seq_id_1 
_ndb_struct_na_base_pair_step.i_symmetry_1 
_ndb_struct_na_base_pair_step.j_label_asym_id_1 
_ndb_struct_na_base_pair_step.j_label_comp_id_1 
_ndb_struct_na_base_pair_step.j_label_seq_id_1 
_ndb_struct_na_base_pair_step.j_symmetry_1 
_ndb_struct_na_base_pair_step.i_label_asym_id_2 
_ndb_struct_na_base_pair_step.i_label_comp_id_2 
_ndb_struct_na_base_pair_step.i_label_seq_id_2 
_ndb_struct_na_base_pair_step.i_symmetry_2 
_ndb_struct_na_base_pair_step.j_label_asym_id_2 
_ndb_struct_na_base_pair_step.j_label_comp_id_2 
_ndb_struct_na_base_pair_step.j_label_seq_id_2 
_ndb_struct_na_base_pair_step.j_symmetry_2 
_ndb_struct_na_base_pair_step.shift 
_ndb_struct_na_base_pair_step.slide 
_ndb_struct_na_base_pair_step.rise 
_ndb_struct_na_base_pair_step.tilt 
_ndb_struct_na_base_pair_step.roll 
_ndb_struct_na_base_pair_step.twist 
_ndb_struct_na_base_pair_step.x_displacement 
_ndb_struct_na_base_pair_step.y_displacement 
_ndb_struct_na_base_pair_step.helical_rise 
_ndb_struct_na_base_pair_step.inclination 
_ndb_struct_na_base_pair_step.tip 
_ndb_struct_na_base_pair_step.helical_twist 
_ndb_struct_na_base_pair_step.step_number 
_ndb_struct_na_base_pair_step.step_name 
_ndb_struct_na_base_pair_step.i_auth_asym_id_1 
_ndb_struct_na_base_pair_step.i_auth_seq_id_1 
_ndb_struct_na_base_pair_step.i_PDB_ins_code_1 
_ndb_struct_na_base_pair_step.j_auth_asym_id_1 
_ndb_struct_na_base_pair_step.j_auth_seq_id_1 
_ndb_struct_na_base_pair_step.j_PDB_ins_code_1 
_ndb_struct_na_base_pair_step.i_auth_asym_id_2 
_ndb_struct_na_base_pair_step.i_auth_seq_id_2 
_ndb_struct_na_base_pair_step.i_PDB_ins_code_2 
_ndb_struct_na_base_pair_step.j_auth_asym_id_2 
_ndb_struct_na_base_pair_step.j_auth_seq_id_2 
_ndb_struct_na_base_pair_step.j_PDB_ins_code_2 
1 A DC 1 1_555 B DG 6 1_555 A DG 2 1_555 B DC 5 1_555 0.056  5.699  3.906 1.067  -1.519 -8.631  -32.116 3.807   4.791 9.943   
6.984   -8.828  1 AA_DC1DG2:DC11DG12_BB A 1 ? B 12 ? A 2 ? B 11 ? 
1 A DG 2 1_555 B DC 5 1_555 A DC 3 1_555 B DG 4 1_555 0.571  -0.482 3.239 0.154  -5.753 -55.735 0.837   0.616   3.178 6.136   
0.164   -56.008 2 AA_DG2DC3:DG10DC11_BB A 2 ? B 11 ? A 3 ? B 10 ? 
1 A DC 3 1_555 B DG 4 1_555 A DG 4 1_555 B DC 3 1_555 -0.402 5.361  3.735 -4.029 -0.380 -4.974  -45.932 -24.774 2.964 3.681   
-38.983 -6.412  3 AA_DC3DG4:DC9DG10_BB  A 3 ? B 10 ? A 4 ? B 9  ? 
1 A DG 4 1_555 B DC 3 1_555 A DC 5 1_555 B DG 2 1_555 -0.358 -1.172 3.301 2.446  -0.447 -51.154 1.387   -0.244  3.304 0.518   
2.831   -51.210 4 AA_DG4DC5:DG8DC9_BB   A 4 ? B 9  ? A 5 ? B 8  ? 
1 A DC 5 1_555 B DG 2 1_555 A DG 6 1_555 B DC 1 1_555 0.017  5.550  3.860 -2.955 5.599  -8.965  -35.177 -3.155  0.334 -31.204 
-16.468 -10.971 5 AA_DC5DG6:DC7DG8_BB   A 5 ? B 8  ? A 6 ? B 7  ? 
# 
loop_
_pdbx_entity_nonpoly.entity_id 
_pdbx_entity_nonpoly.name 
_pdbx_entity_nonpoly.comp_id 
2 "N,N'-BIS(3-AMMONIOPROPYL)BUTANE-1,4-DIAMINIUM" SPW 
3 water                                           DOD 
# 
_pdbx_initial_refinement_model.id               1 
_pdbx_initial_refinement_model.entity_id_list   ? 
_pdbx_initial_refinement_model.type             'experimental model' 
_pdbx_initial_refinement_model.source_name      PDB 
_pdbx_initial_refinement_model.accession_code   1IOT 
_pdbx_initial_refinement_model.details          'PDB ENTRY 1IOT' 
# 
